data_5ENZ
#
_entry.id   5ENZ
#
_cell.length_a   54.190
_cell.length_b   82.780
_cell.length_c   170.880
_cell.angle_alpha   90.00
_cell.angle_beta   90.00
_cell.angle_gamma   90.00
#
_symmetry.space_group_name_H-M   'P 21 21 21'
#
loop_
_entity.id
_entity.type
_entity.pdbx_description
1 polymer 'UDP-GlcNAc 2-epimerase'
2 non-polymer "URIDINE-5'-DIPHOSPHATE"
3 non-polymer 'SULFATE ION'
4 non-polymer 2-AMINO-2-HYDROXYMETHYL-PROPANE-1,3-DIOL
5 non-polymer 'TETRAETHYLENE GLYCOL'
6 water water
#
_entity_poly.entity_id   1
_entity_poly.type   'polypeptide(L)'
_entity_poly.pdbx_seq_one_letter_code
;MKKIMTIFGTRPEAIKMAPLVKALEQEKMLEPIVVVTAQHREMLDSVLSTFEIKPKYDLNIMKSGQTLSEITSKSITQLE
QVIQLEKPDMVLVHGDTMTTFAGGLAAFYNQVPIGHVEAGLRSYDKYSPFPEEVNRQLVGVLADLHFAPTKNAASHLLSE
GKYSESVVVTGNTAIDAMKYTVDDNYKSNIMDKYHDKKFILMTAHRRENIGKPMENIFKAVRRLIDEYTDLALVYPMHKN
PKVREVAQKILGSHDRIELIEPLDVVDFHNFAKKSYFILTDSGGIQEEAPSFNKPVLVLRSVTERPEGVEAGTLKVIGTN
KQNVYQAAKELIDDERLYHQMSEASNPYGDGFASERIVNHIKYYLNLITEKPSDFGGHHHHHHHH
;
_entity_poly.pdbx_strand_id   A,B
#
loop_
_chem_comp.id
_chem_comp.type
_chem_comp.name
_chem_comp.formula
PG4 non-polymer 'TETRAETHYLENE GLYCOL' 'C8 H18 O5'
SO4 non-polymer 'SULFATE ION' 'O4 S -2'
TRS non-polymer 2-AMINO-2-HYDROXYMETHYL-PROPANE-1,3-DIOL 'C4 H12 N O3 1'
UDP RNA linking URIDINE-5'-DIPHOSPHATE 'C9 H14 N2 O12 P2'
#
# COMPACT_ATOMS: atom_id res chain seq x y z
N MET A 1 -28.49 -0.11 -11.42
CA MET A 1 -28.90 -0.73 -10.16
C MET A 1 -27.71 -0.69 -9.20
N LYS A 2 -26.64 -1.44 -9.48
CA LYS A 2 -25.40 -1.45 -8.68
C LYS A 2 -24.46 -0.38 -9.30
N LYS A 3 -24.01 0.61 -8.52
CA LYS A 3 -23.16 1.70 -9.03
C LYS A 3 -21.69 1.27 -9.05
N ILE A 4 -21.02 1.35 -10.22
CA ILE A 4 -19.61 0.96 -10.35
C ILE A 4 -18.82 2.21 -10.69
N MET A 5 -18.05 2.73 -9.73
CA MET A 5 -17.29 3.97 -10.00
C MET A 5 -16.00 3.61 -10.74
N THR A 6 -15.69 4.31 -11.84
CA THR A 6 -14.46 4.09 -12.63
C THR A 6 -13.65 5.36 -12.53
N ILE A 7 -12.50 5.31 -11.88
CA ILE A 7 -11.64 6.47 -11.70
C ILE A 7 -10.43 6.35 -12.64
N PHE A 8 -10.11 7.40 -13.38
CA PHE A 8 -8.91 7.42 -14.22
C PHE A 8 -8.45 8.86 -14.45
N GLY A 9 -7.15 9.07 -14.62
CA GLY A 9 -6.60 10.42 -14.69
C GLY A 9 -5.63 10.74 -15.77
N THR A 10 -5.40 9.84 -16.74
CA THR A 10 -4.45 10.10 -17.82
C THR A 10 -5.01 9.58 -19.10
N ARG A 11 -4.49 10.04 -20.23
CA ARG A 11 -4.94 9.61 -21.55
C ARG A 11 -4.69 8.10 -21.75
N PRO A 12 -3.49 7.56 -21.42
CA PRO A 12 -3.29 6.11 -21.58
C PRO A 12 -4.31 5.29 -20.74
N GLU A 13 -4.65 5.74 -19.51
CA GLU A 13 -5.64 5.04 -18.68
C GLU A 13 -7.03 5.17 -19.27
N ALA A 14 -7.36 6.36 -19.81
CA ALA A 14 -8.68 6.59 -20.43
C ALA A 14 -8.87 5.64 -21.59
N ILE A 15 -7.81 5.42 -22.39
CA ILE A 15 -7.90 4.47 -23.52
C ILE A 15 -8.23 3.08 -22.99
N LYS A 16 -7.51 2.63 -21.94
CA LYS A 16 -7.71 1.29 -21.38
C LYS A 16 -9.03 1.15 -20.62
N MET A 17 -9.52 2.19 -20.00
CA MET A 17 -10.77 2.13 -19.21
C MET A 17 -12.00 2.36 -20.08
N ALA A 18 -11.88 3.10 -21.17
CA ALA A 18 -13.04 3.39 -22.03
C ALA A 18 -13.87 2.14 -22.47
N PRO A 19 -13.27 1.07 -23.02
CA PRO A 19 -14.10 -0.09 -23.38
C PRO A 19 -14.78 -0.74 -22.19
N LEU A 20 -14.18 -0.64 -20.99
CA LEU A 20 -14.78 -1.18 -19.78
C LEU A 20 -15.98 -0.30 -19.40
N VAL A 21 -15.85 1.02 -19.56
CA VAL A 21 -16.99 1.91 -19.29
C VAL A 21 -18.13 1.56 -20.27
N LYS A 22 -17.82 1.26 -21.56
CA LYS A 22 -18.88 0.88 -22.54
C LYS A 22 -19.52 -0.45 -22.17
N ALA A 23 -18.73 -1.42 -21.70
CA ALA A 23 -19.29 -2.70 -21.28
C ALA A 23 -20.17 -2.51 -20.03
N LEU A 24 -19.76 -1.64 -19.09
CA LEU A 24 -20.58 -1.36 -17.90
C LEU A 24 -21.87 -0.64 -18.30
N GLU A 25 -21.81 0.23 -19.32
CA GLU A 25 -23.00 0.92 -19.85
C GLU A 25 -23.99 -0.09 -20.46
N GLN A 26 -23.48 -1.04 -21.26
CA GLN A 26 -24.31 -2.06 -21.91
C GLN A 26 -24.93 -3.06 -20.92
N GLU A 27 -24.28 -3.28 -19.76
CA GLU A 27 -24.74 -4.22 -18.74
C GLU A 27 -25.97 -3.65 -18.04
N LYS A 28 -27.10 -4.36 -18.05
CA LYS A 28 -28.34 -3.86 -17.45
C LYS A 28 -28.32 -3.68 -15.92
N MET A 29 -27.62 -4.57 -15.19
CA MET A 29 -27.61 -4.50 -13.72
C MET A 29 -26.52 -3.61 -13.10
N LEU A 30 -25.60 -3.03 -13.90
CA LEU A 30 -24.51 -2.18 -13.38
C LEU A 30 -24.62 -0.81 -14.00
N GLU A 31 -24.30 0.25 -13.26
CA GLU A 31 -24.30 1.62 -13.76
C GLU A 31 -22.88 2.17 -13.56
N PRO A 32 -22.18 2.60 -14.64
CA PRO A 32 -20.86 3.18 -14.41
C PRO A 32 -20.96 4.63 -13.96
N ILE A 33 -20.13 5.05 -12.98
CA ILE A 33 -20.00 6.44 -12.57
C ILE A 33 -18.56 6.82 -12.94
N VAL A 34 -18.40 7.62 -14.00
CA VAL A 34 -17.07 7.99 -14.50
C VAL A 34 -16.53 9.22 -13.81
N VAL A 35 -15.33 9.10 -13.23
CA VAL A 35 -14.62 10.17 -12.51
C VAL A 35 -13.27 10.39 -13.19
N VAL A 36 -13.03 11.57 -13.74
CA VAL A 36 -11.77 11.91 -14.38
C VAL A 36 -11.04 12.89 -13.46
N THR A 37 -9.75 12.63 -13.14
CA THR A 37 -8.94 13.52 -12.30
C THR A 37 -8.05 14.43 -13.17
N ALA A 38 -7.92 14.14 -14.48
CA ALA A 38 -7.13 14.93 -15.43
N LEU A 44 -6.96 13.88 -23.33
CA LEU A 44 -7.96 13.08 -22.62
C LEU A 44 -9.34 13.25 -23.24
N ASP A 45 -9.73 14.51 -23.54
CA ASP A 45 -11.02 14.81 -24.13
C ASP A 45 -11.25 14.10 -25.47
N SER A 46 -10.22 14.01 -26.35
CA SER A 46 -10.40 13.30 -27.64
C SER A 46 -10.65 11.80 -27.43
N VAL A 47 -10.08 11.20 -26.34
CA VAL A 47 -10.32 9.79 -26.06
C VAL A 47 -11.77 9.66 -25.63
N LEU A 48 -12.23 10.53 -24.72
CA LEU A 48 -13.61 10.49 -24.23
C LEU A 48 -14.65 10.66 -25.36
N SER A 49 -14.38 11.53 -26.36
CA SER A 49 -15.31 11.72 -27.49
C SER A 49 -15.27 10.52 -28.47
N THR A 50 -14.09 9.92 -28.71
CA THR A 50 -13.97 8.73 -29.57
C THR A 50 -14.86 7.59 -29.05
N PHE A 51 -14.88 7.37 -27.72
CA PHE A 51 -15.68 6.30 -27.11
C PHE A 51 -17.06 6.79 -26.64
N GLU A 52 -17.37 8.09 -26.82
CA GLU A 52 -18.65 8.68 -26.41
C GLU A 52 -18.91 8.49 -24.92
N ILE A 53 -17.99 8.99 -24.08
CA ILE A 53 -18.10 8.91 -22.63
C ILE A 53 -18.12 10.33 -22.11
N LYS A 54 -19.11 10.65 -21.26
CA LYS A 54 -19.24 11.95 -20.63
C LYS A 54 -18.98 11.73 -19.14
N PRO A 55 -17.90 12.29 -18.56
CA PRO A 55 -17.64 12.08 -17.15
C PRO A 55 -18.74 12.71 -16.28
N LYS A 56 -19.16 12.02 -15.21
CA LYS A 56 -20.09 12.60 -14.26
C LYS A 56 -19.32 13.59 -13.40
N TYR A 57 -18.02 13.30 -13.11
CA TYR A 57 -17.14 14.18 -12.34
C TYR A 57 -15.86 14.42 -13.09
N ASP A 58 -15.43 15.68 -13.15
CA ASP A 58 -14.19 16.08 -13.79
C ASP A 58 -13.47 16.97 -12.79
N LEU A 59 -12.52 16.38 -12.05
CA LEU A 59 -11.81 17.08 -10.99
C LEU A 59 -10.58 17.74 -11.58
N ASN A 60 -10.14 18.85 -11.01
CA ASN A 60 -8.97 19.56 -11.49
N THR A 67 4.41 18.64 -5.81
CA THR A 67 5.12 17.43 -5.38
C THR A 67 4.20 16.20 -5.45
N LEU A 68 4.79 15.01 -5.36
CA LEU A 68 4.02 13.77 -5.37
C LEU A 68 3.11 13.72 -4.14
N SER A 69 3.58 14.25 -2.98
CA SER A 69 2.78 14.33 -1.75
C SER A 69 1.55 15.20 -1.96
N GLU A 70 1.72 16.38 -2.60
CA GLU A 70 0.60 17.29 -2.84
C GLU A 70 -0.40 16.69 -3.80
N ILE A 71 0.04 15.99 -4.85
CA ILE A 71 -0.87 15.35 -5.79
C ILE A 71 -1.72 14.30 -5.04
N THR A 72 -1.06 13.44 -4.26
CA THR A 72 -1.75 12.40 -3.50
C THR A 72 -2.68 12.99 -2.48
N SER A 73 -2.21 14.00 -1.75
CA SER A 73 -3.03 14.68 -0.74
C SER A 73 -4.32 15.26 -1.36
N LYS A 74 -4.21 16.03 -2.45
CA LYS A 74 -5.39 16.60 -3.11
C LYS A 74 -6.31 15.54 -3.71
N SER A 75 -5.73 14.52 -4.38
CA SER A 75 -6.52 13.45 -5.02
C SER A 75 -7.33 12.67 -4.01
N ILE A 76 -6.72 12.27 -2.89
CA ILE A 76 -7.41 11.51 -1.83
C ILE A 76 -8.69 12.21 -1.32
N THR A 77 -8.58 13.47 -0.88
CA THR A 77 -9.72 14.20 -0.32
C THR A 77 -10.82 14.43 -1.35
N GLN A 78 -10.47 14.85 -2.57
CA GLN A 78 -11.49 15.08 -3.60
C GLN A 78 -12.18 13.80 -4.06
N LEU A 79 -11.43 12.70 -4.21
CA LEU A 79 -12.05 11.42 -4.59
C LEU A 79 -12.92 10.88 -3.46
N GLU A 80 -12.54 11.12 -2.20
CA GLU A 80 -13.39 10.71 -1.08
C GLU A 80 -14.74 11.45 -1.15
N GLN A 81 -14.71 12.79 -1.43
CA GLN A 81 -15.94 13.60 -1.54
C GLN A 81 -16.87 13.02 -2.59
N VAL A 82 -16.31 12.63 -3.76
CA VAL A 82 -17.10 12.00 -4.81
C VAL A 82 -17.61 10.63 -4.35
N ILE A 83 -16.78 9.81 -3.68
CA ILE A 83 -17.20 8.48 -3.18
C ILE A 83 -18.34 8.59 -2.15
N GLN A 84 -18.26 9.54 -1.22
CA GLN A 84 -19.29 9.73 -0.19
C GLN A 84 -20.59 10.28 -0.78
N LEU A 85 -20.50 11.12 -1.82
CA LEU A 85 -21.68 11.67 -2.49
C LEU A 85 -22.42 10.59 -3.29
N GLU A 86 -21.67 9.77 -4.06
CA GLU A 86 -22.25 8.73 -4.91
C GLU A 86 -22.57 7.43 -4.21
N LYS A 87 -21.80 7.06 -3.16
CA LYS A 87 -21.99 5.80 -2.44
C LYS A 87 -21.95 4.59 -3.39
N PRO A 88 -20.88 4.46 -4.19
CA PRO A 88 -20.79 3.35 -5.13
C PRO A 88 -20.72 2.00 -4.45
N ASP A 89 -21.17 0.93 -5.13
CA ASP A 89 -21.08 -0.43 -4.63
C ASP A 89 -19.67 -0.98 -4.86
N MET A 90 -18.93 -0.43 -5.85
CA MET A 90 -17.54 -0.81 -6.10
C MET A 90 -16.79 0.35 -6.73
N VAL A 91 -15.47 0.43 -6.47
CA VAL A 91 -14.62 1.46 -7.08
C VAL A 91 -13.62 0.70 -7.94
N LEU A 92 -13.49 1.10 -9.21
CA LEU A 92 -12.51 0.49 -10.11
C LEU A 92 -11.41 1.50 -10.38
N VAL A 93 -10.16 1.07 -10.17
CA VAL A 93 -8.96 1.90 -10.43
C VAL A 93 -8.13 1.12 -11.40
N HIS A 94 -7.30 1.82 -12.18
CA HIS A 94 -6.50 1.18 -13.22
C HIS A 94 -5.02 1.31 -13.00
N GLY A 95 -4.29 0.21 -13.19
CA GLY A 95 -2.84 0.26 -13.28
C GLY A 95 -2.06 0.85 -12.12
N ASP A 96 -1.30 1.93 -12.35
CA ASP A 96 -0.32 2.36 -11.37
C ASP A 96 0.00 3.85 -11.29
N THR A 97 -0.98 4.74 -11.58
CA THR A 97 -0.69 6.18 -11.51
C THR A 97 -1.02 6.72 -10.11
N MET A 98 -0.73 8.00 -9.91
CA MET A 98 -1.02 8.65 -8.60
C MET A 98 -2.53 8.54 -8.29
N THR A 99 -3.36 8.77 -9.30
CA THR A 99 -4.82 8.67 -9.13
C THR A 99 -5.27 7.25 -8.75
N THR A 100 -4.64 6.20 -9.34
CA THR A 100 -5.00 4.80 -9.02
C THR A 100 -4.87 4.56 -7.51
N PHE A 101 -3.71 4.92 -6.93
CA PHE A 101 -3.53 4.70 -5.50
C PHE A 101 -4.45 5.60 -4.68
N ALA A 102 -4.53 6.90 -5.01
CA ALA A 102 -5.38 7.83 -4.23
C ALA A 102 -6.87 7.39 -4.25
N GLY A 103 -7.37 6.94 -5.41
CA GLY A 103 -8.75 6.44 -5.54
C GLY A 103 -8.94 5.15 -4.75
N GLY A 104 -7.98 4.22 -4.83
CA GLY A 104 -8.06 2.97 -4.06
C GLY A 104 -8.04 3.25 -2.54
N LEU A 105 -7.19 4.17 -2.08
CA LEU A 105 -7.09 4.48 -0.63
C LEU A 105 -8.36 5.17 -0.12
N ALA A 106 -8.91 6.12 -0.89
CA ALA A 106 -10.16 6.80 -0.51
C ALA A 106 -11.31 5.77 -0.45
N ALA A 107 -11.37 4.82 -1.42
CA ALA A 107 -12.38 3.75 -1.40
C ALA A 107 -12.23 2.90 -0.16
N PHE A 108 -10.98 2.50 0.16
CA PHE A 108 -10.71 1.66 1.34
C PHE A 108 -11.14 2.35 2.63
N TYR A 109 -10.78 3.63 2.81
CA TYR A 109 -11.16 4.36 4.03
C TYR A 109 -12.69 4.46 4.18
N ASN A 110 -13.43 4.38 3.07
CA ASN A 110 -14.91 4.40 3.06
C ASN A 110 -15.51 3.00 2.97
N GLN A 111 -14.68 1.94 3.13
CA GLN A 111 -15.11 0.56 3.11
C GLN A 111 -15.91 0.18 1.86
N VAL A 112 -15.47 0.69 0.69
CA VAL A 112 -16.09 0.35 -0.61
C VAL A 112 -15.20 -0.74 -1.26
N PRO A 113 -15.78 -1.84 -1.78
CA PRO A 113 -14.95 -2.86 -2.44
C PRO A 113 -14.16 -2.26 -3.62
N ILE A 114 -12.93 -2.74 -3.86
CA ILE A 114 -12.06 -2.21 -4.92
C ILE A 114 -11.72 -3.28 -5.93
N GLY A 115 -11.84 -2.92 -7.23
CA GLY A 115 -11.48 -3.79 -8.34
C GLY A 115 -10.27 -3.12 -9.02
N HIS A 116 -9.17 -3.83 -9.15
CA HIS A 116 -7.95 -3.28 -9.76
C HIS A 116 -7.84 -3.78 -11.19
N VAL A 117 -8.10 -2.91 -12.17
CA VAL A 117 -8.00 -3.22 -13.61
C VAL A 117 -6.52 -3.18 -13.96
N GLU A 118 -6.00 -4.22 -14.62
CA GLU A 118 -4.56 -4.34 -14.98
C GLU A 118 -3.74 -4.49 -13.67
N ALA A 119 -4.03 -5.57 -12.95
CA ALA A 119 -3.40 -5.85 -11.67
C ALA A 119 -2.19 -6.74 -11.78
N GLY A 120 -1.22 -6.58 -10.90
CA GLY A 120 -0.11 -7.54 -10.77
C GLY A 120 1.11 -7.34 -11.62
N LEU A 121 1.26 -6.22 -12.36
CA LEU A 121 2.50 -6.02 -13.11
C LEU A 121 3.61 -5.70 -12.10
N ARG A 122 4.80 -6.29 -12.28
CA ARG A 122 5.91 -6.05 -11.35
C ARG A 122 7.26 -5.92 -12.04
N SER A 123 8.02 -4.91 -11.67
CA SER A 123 9.43 -4.78 -12.00
C SER A 123 10.23 -5.33 -10.79
N TYR A 124 9.63 -5.32 -9.57
CA TYR A 124 10.24 -5.70 -8.29
C TYR A 124 11.45 -4.76 -7.95
N ASP A 125 11.37 -3.50 -8.41
CA ASP A 125 12.37 -2.47 -8.15
C ASP A 125 11.59 -1.22 -7.75
N LYS A 126 11.66 -0.88 -6.47
CA LYS A 126 11.01 0.25 -5.83
C LYS A 126 11.25 1.60 -6.53
N TYR A 127 12.43 1.79 -7.16
CA TYR A 127 12.74 3.06 -7.83
C TYR A 127 12.69 2.99 -9.35
N SER A 128 12.16 1.92 -9.92
CA SER A 128 12.03 1.84 -11.38
C SER A 128 10.93 0.86 -11.79
N PRO A 129 9.81 1.33 -12.35
CA PRO A 129 9.42 2.73 -12.60
C PRO A 129 9.05 3.41 -11.27
N PHE A 130 9.44 4.69 -11.10
CA PHE A 130 9.17 5.47 -9.90
C PHE A 130 8.16 6.54 -10.26
N PRO A 131 7.01 6.65 -9.53
CA PRO A 131 6.54 5.85 -8.39
C PRO A 131 5.59 4.70 -8.79
N GLU A 132 5.51 4.33 -10.09
CA GLU A 132 4.56 3.32 -10.57
C GLU A 132 4.72 1.96 -9.93
N GLU A 133 5.95 1.45 -9.75
CA GLU A 133 6.08 0.10 -9.16
C GLU A 133 5.43 0.06 -7.78
N VAL A 134 5.77 1.03 -6.92
CA VAL A 134 5.18 1.12 -5.59
C VAL A 134 3.68 1.31 -5.67
N ASN A 135 3.18 2.20 -6.55
CA ASN A 135 1.72 2.40 -6.70
C ASN A 135 0.96 1.10 -6.97
N ARG A 136 1.38 0.29 -7.94
CA ARG A 136 0.67 -0.96 -8.20
C ARG A 136 0.82 -1.95 -7.04
N GLN A 137 1.96 -1.93 -6.31
CA GLN A 137 2.11 -2.82 -5.15
C GLN A 137 1.19 -2.33 -4.00
N LEU A 138 1.08 -1.00 -3.80
CA LEU A 138 0.18 -0.46 -2.76
C LEU A 138 -1.28 -0.76 -3.08
N VAL A 139 -1.67 -0.63 -4.35
CA VAL A 139 -3.06 -0.96 -4.76
C VAL A 139 -3.29 -2.47 -4.61
N GLY A 140 -2.26 -3.29 -4.83
CA GLY A 140 -2.39 -4.74 -4.64
C GLY A 140 -2.77 -5.10 -3.18
N VAL A 141 -2.35 -4.28 -2.19
CA VAL A 141 -2.72 -4.49 -0.79
C VAL A 141 -4.22 -4.20 -0.56
N LEU A 142 -4.74 -3.15 -1.17
CA LEU A 142 -6.12 -2.67 -1.02
C LEU A 142 -7.21 -3.43 -1.76
N ALA A 143 -6.87 -3.89 -2.96
CA ALA A 143 -7.87 -4.46 -3.86
C ALA A 143 -8.56 -5.73 -3.35
N ASP A 144 -9.86 -5.82 -3.61
CA ASP A 144 -10.71 -6.99 -3.31
C ASP A 144 -10.72 -7.93 -4.50
N LEU A 145 -10.62 -7.38 -5.73
CA LEU A 145 -10.58 -8.15 -6.97
C LEU A 145 -9.40 -7.66 -7.79
N HIS A 146 -8.55 -8.58 -8.25
CA HIS A 146 -7.37 -8.26 -9.05
C HIS A 146 -7.61 -8.75 -10.46
N PHE A 147 -7.86 -7.84 -11.41
CA PHE A 147 -8.09 -8.24 -12.80
C PHE A 147 -6.75 -8.27 -13.47
N ALA A 148 -6.09 -9.41 -13.38
CA ALA A 148 -4.75 -9.57 -13.94
C ALA A 148 -4.83 -9.70 -15.46
N PRO A 149 -3.94 -9.03 -16.22
CA PRO A 149 -4.04 -9.16 -17.68
C PRO A 149 -3.55 -10.51 -18.17
N THR A 150 -2.54 -11.09 -17.50
CA THR A 150 -1.96 -12.36 -17.92
C THR A 150 -1.78 -13.31 -16.73
N LYS A 151 -1.48 -14.57 -17.04
CA LYS A 151 -1.23 -15.59 -16.01
C LYS A 151 0.04 -15.22 -15.25
N ASN A 152 1.04 -14.62 -15.93
CA ASN A 152 2.28 -14.17 -15.29
C ASN A 152 1.96 -13.10 -14.23
N ALA A 153 1.10 -12.11 -14.55
CA ALA A 153 0.73 -11.08 -13.56
C ALA A 153 -0.06 -11.72 -12.40
N ALA A 154 -0.98 -12.65 -12.70
CA ALA A 154 -1.71 -13.35 -11.65
C ALA A 154 -0.75 -14.14 -10.74
N SER A 155 0.31 -14.74 -11.30
CA SER A 155 1.30 -15.48 -10.51
C SER A 155 2.04 -14.58 -9.53
N HIS A 156 2.31 -13.32 -9.94
CA HIS A 156 2.93 -12.36 -9.03
C HIS A 156 2.02 -12.18 -7.81
N LEU A 157 0.71 -11.97 -8.04
CA LEU A 157 -0.25 -11.74 -6.95
C LEU A 157 -0.44 -13.00 -6.09
N LEU A 158 -0.56 -14.17 -6.71
CA LEU A 158 -0.71 -15.42 -5.95
C LEU A 158 0.53 -15.68 -5.10
N SER A 159 1.74 -15.45 -5.64
CA SER A 159 2.98 -15.64 -4.88
C SER A 159 3.15 -14.66 -3.71
N GLU A 160 2.51 -13.47 -3.80
CA GLU A 160 2.57 -12.48 -2.73
C GLU A 160 1.57 -12.81 -1.62
N GLY A 161 0.67 -13.80 -1.82
CA GLY A 161 -0.28 -14.20 -0.79
C GLY A 161 -1.67 -13.61 -0.97
N LYS A 162 -2.02 -13.05 -2.18
CA LYS A 162 -3.38 -12.54 -2.41
C LYS A 162 -4.29 -13.76 -2.43
N TYR A 163 -5.51 -13.61 -1.92
CA TYR A 163 -6.44 -14.74 -1.84
C TYR A 163 -6.72 -15.28 -3.23
N SER A 164 -6.49 -16.60 -3.43
CA SER A 164 -6.67 -17.36 -4.67
C SER A 164 -7.89 -16.93 -5.51
N GLU A 165 -9.07 -16.86 -4.89
CA GLU A 165 -10.32 -16.52 -5.58
C GLU A 165 -10.46 -15.04 -5.96
N SER A 166 -9.65 -14.14 -5.37
CA SER A 166 -9.66 -12.71 -5.68
C SER A 166 -8.83 -12.38 -6.93
N VAL A 167 -7.94 -13.31 -7.37
CA VAL A 167 -7.06 -13.12 -8.52
C VAL A 167 -7.66 -13.80 -9.74
N VAL A 168 -8.02 -13.01 -10.78
CA VAL A 168 -8.63 -13.56 -12.00
C VAL A 168 -7.90 -13.00 -13.21
N VAL A 169 -7.69 -13.84 -14.23
CA VAL A 169 -7.00 -13.45 -15.46
C VAL A 169 -8.06 -13.06 -16.47
N THR A 170 -8.08 -11.79 -16.88
CA THR A 170 -9.09 -11.30 -17.83
C THR A 170 -8.51 -10.93 -19.21
N GLY A 171 -7.20 -10.73 -19.34
CA GLY A 171 -6.65 -10.14 -20.57
C GLY A 171 -6.60 -8.60 -20.29
N ASN A 172 -5.90 -7.87 -21.12
CA ASN A 172 -5.73 -6.44 -20.97
C ASN A 172 -6.78 -5.73 -21.82
N THR A 173 -7.49 -4.75 -21.23
CA THR A 173 -8.52 -3.99 -21.94
C THR A 173 -7.95 -3.15 -23.10
N ALA A 174 -6.61 -2.97 -23.20
CA ALA A 174 -5.99 -2.26 -24.36
C ALA A 174 -6.45 -2.93 -25.68
N ILE A 175 -6.55 -4.26 -25.69
CA ILE A 175 -6.96 -4.96 -26.90
C ILE A 175 -8.44 -4.70 -27.21
N ASP A 176 -9.29 -4.59 -26.18
CA ASP A 176 -10.72 -4.29 -26.37
C ASP A 176 -10.90 -2.93 -27.03
N ALA A 177 -10.09 -1.93 -26.61
CA ALA A 177 -10.20 -0.56 -27.15
C ALA A 177 -10.00 -0.54 -28.65
N MET A 178 -9.14 -1.42 -29.17
CA MET A 178 -8.86 -1.50 -30.60
C MET A 178 -10.09 -1.83 -31.46
N LYS A 179 -11.13 -2.45 -30.88
CA LYS A 179 -12.38 -2.76 -31.60
C LYS A 179 -13.14 -1.48 -31.96
N TYR A 180 -12.97 -0.42 -31.18
CA TYR A 180 -13.64 0.86 -31.42
C TYR A 180 -12.86 1.81 -32.34
N THR A 181 -11.56 1.58 -32.55
CA THR A 181 -10.71 2.54 -33.27
C THR A 181 -10.29 2.11 -34.66
N VAL A 182 -9.97 0.83 -34.86
CA VAL A 182 -9.42 0.33 -36.11
C VAL A 182 -10.49 0.36 -37.21
N ASP A 183 -10.11 0.87 -38.37
CA ASP A 183 -10.97 1.06 -39.52
C ASP A 183 -10.15 0.56 -40.72
N ASP A 184 -10.46 -0.62 -41.28
CA ASP A 184 -9.62 -1.12 -42.38
C ASP A 184 -9.76 -0.27 -43.67
N ASN A 185 -10.65 0.77 -43.69
CA ASN A 185 -10.70 1.74 -44.81
C ASN A 185 -10.20 3.11 -44.31
N TYR A 186 -9.32 3.13 -43.28
CA TYR A 186 -8.77 4.37 -42.73
C TYR A 186 -8.01 5.13 -43.84
N LYS A 187 -8.09 6.48 -43.85
CA LYS A 187 -7.38 7.34 -44.81
C LYS A 187 -6.56 8.44 -44.08
N SER A 188 -5.36 8.72 -44.59
CA SER A 188 -4.39 9.68 -44.04
C SER A 188 -3.44 10.14 -45.14
N ASN A 189 -3.21 11.46 -45.23
CA ASN A 189 -2.29 12.03 -46.23
C ASN A 189 -0.84 11.67 -45.91
N ILE A 190 -0.51 11.49 -44.62
CA ILE A 190 0.86 11.09 -44.26
C ILE A 190 1.07 9.63 -44.74
N MET A 191 0.09 8.74 -44.50
CA MET A 191 0.17 7.35 -44.98
C MET A 191 0.26 7.30 -46.51
N ASP A 192 -0.51 8.15 -47.21
CA ASP A 192 -0.47 8.21 -48.68
C ASP A 192 0.91 8.69 -49.12
N LYS A 193 1.49 9.67 -48.41
CA LYS A 193 2.85 10.16 -48.72
C LYS A 193 3.84 9.00 -48.70
N TYR A 194 3.69 8.06 -47.75
CA TYR A 194 4.62 6.92 -47.63
C TYR A 194 4.03 5.59 -48.13
N HIS A 195 3.12 5.64 -49.13
CA HIS A 195 2.48 4.47 -49.76
C HIS A 195 3.52 3.51 -50.37
N ASP A 196 4.63 4.03 -50.88
CA ASP A 196 5.74 3.28 -51.49
C ASP A 196 6.93 3.04 -50.52
N LYS A 197 6.73 3.25 -49.21
CA LYS A 197 7.79 3.07 -48.22
C LYS A 197 7.31 2.14 -47.12
N LYS A 198 8.26 1.62 -46.36
CA LYS A 198 7.97 0.81 -45.18
C LYS A 198 8.30 1.78 -44.04
N PHE A 199 7.32 2.23 -43.25
CA PHE A 199 7.66 3.20 -42.22
C PHE A 199 7.76 2.60 -40.82
N ILE A 200 8.74 3.09 -40.05
CA ILE A 200 8.90 2.76 -38.64
C ILE A 200 7.99 3.72 -37.89
N LEU A 201 7.22 3.24 -36.91
CA LEU A 201 6.39 4.14 -36.09
C LEU A 201 7.13 4.21 -34.76
N MET A 202 7.53 5.40 -34.31
CA MET A 202 8.31 5.50 -33.09
C MET A 202 7.68 6.40 -32.09
N THR A 203 7.73 6.06 -30.78
CA THR A 203 7.29 7.00 -29.74
C THR A 203 8.29 6.86 -28.60
N ALA A 204 8.53 7.90 -27.83
CA ALA A 204 9.51 7.85 -26.72
C ALA A 204 9.06 8.83 -25.68
N HIS A 205 8.63 8.37 -24.51
CA HIS A 205 8.17 9.31 -23.47
C HIS A 205 8.74 9.05 -22.07
N ARG A 206 9.55 7.99 -21.84
CA ARG A 206 10.01 7.65 -20.48
C ARG A 206 11.10 8.59 -20.00
N ARG A 207 10.98 9.14 -18.78
CA ARG A 207 11.99 10.04 -18.18
C ARG A 207 13.40 9.39 -18.14
N GLU A 208 13.44 8.05 -18.02
CA GLU A 208 14.71 7.32 -18.01
C GLU A 208 15.46 7.42 -19.37
N ASN A 209 14.78 7.84 -20.48
CA ASN A 209 15.41 7.99 -21.80
C ASN A 209 15.78 9.44 -22.17
N ILE A 210 15.51 10.41 -21.29
CA ILE A 210 15.87 11.82 -21.57
C ILE A 210 17.42 11.95 -21.58
N GLY A 211 17.96 12.75 -22.51
CA GLY A 211 19.40 12.97 -22.60
C GLY A 211 20.08 12.05 -23.60
N LYS A 212 21.15 11.36 -23.19
CA LYS A 212 21.92 10.52 -24.09
C LYS A 212 21.10 9.36 -24.70
N PRO A 213 20.20 8.65 -23.93
CA PRO A 213 19.42 7.59 -24.59
C PRO A 213 18.69 8.10 -25.84
N MET A 214 18.03 9.26 -25.75
CA MET A 214 17.31 9.85 -26.89
C MET A 214 18.25 10.19 -28.05
N GLU A 215 19.42 10.78 -27.77
CA GLU A 215 20.38 11.08 -28.84
C GLU A 215 20.82 9.79 -29.52
N ASN A 216 21.10 8.73 -28.73
CA ASN A 216 21.53 7.41 -29.24
C ASN A 216 20.45 6.81 -30.15
N ILE A 217 19.21 6.77 -29.66
CA ILE A 217 18.08 6.22 -30.43
C ILE A 217 17.96 6.97 -31.76
N PHE A 218 17.94 8.31 -31.72
CA PHE A 218 17.75 9.11 -32.93
C PHE A 218 18.88 8.93 -33.93
N LYS A 219 20.14 8.87 -33.46
CA LYS A 219 21.26 8.65 -34.39
C LYS A 219 21.19 7.25 -35.01
N ALA A 220 20.79 6.23 -34.25
CA ALA A 220 20.64 4.87 -34.79
C ALA A 220 19.55 4.86 -35.86
N VAL A 221 18.39 5.49 -35.59
CA VAL A 221 17.26 5.54 -36.54
C VAL A 221 17.62 6.37 -37.76
N ARG A 222 18.26 7.54 -37.55
CA ARG A 222 18.71 8.36 -38.68
C ARG A 222 19.65 7.55 -39.59
N ARG A 223 20.57 6.74 -39.03
CA ARG A 223 21.49 5.91 -39.81
C ARG A 223 20.70 4.90 -40.65
N LEU A 224 19.65 4.29 -40.06
CA LEU A 224 18.84 3.32 -40.83
C LEU A 224 18.11 4.04 -41.95
N ILE A 225 17.56 5.22 -41.65
CA ILE A 225 16.85 5.98 -42.68
C ILE A 225 17.82 6.33 -43.84
N ASP A 226 19.10 6.69 -43.56
CA ASP A 226 20.12 7.00 -44.59
C ASP A 226 20.46 5.76 -45.42
N GLU A 227 20.67 4.62 -44.77
CA GLU A 227 21.09 3.37 -45.42
C GLU A 227 20.02 2.67 -46.23
N TYR A 228 18.73 2.76 -45.81
CA TYR A 228 17.60 2.11 -46.49
C TYR A 228 16.67 3.17 -47.04
N THR A 229 16.79 3.43 -48.35
CA THR A 229 16.02 4.45 -49.09
C THR A 229 14.52 4.22 -49.18
N ASP A 230 14.08 2.98 -49.02
CA ASP A 230 12.66 2.65 -49.06
C ASP A 230 12.06 2.71 -47.64
N LEU A 231 12.84 3.15 -46.64
CA LEU A 231 12.39 3.24 -45.25
C LEU A 231 11.92 4.65 -44.98
N ALA A 232 10.94 4.80 -44.07
CA ALA A 232 10.47 6.11 -43.64
C ALA A 232 10.25 6.04 -42.15
N LEU A 233 10.08 7.20 -41.50
CA LEU A 233 9.88 7.24 -40.06
C LEU A 233 8.73 8.16 -39.75
N VAL A 234 7.78 7.70 -38.90
CA VAL A 234 6.70 8.55 -38.39
C VAL A 234 6.90 8.63 -36.89
N TYR A 235 7.13 9.84 -36.38
CA TYR A 235 7.43 10.05 -34.98
C TYR A 235 6.51 11.09 -34.38
N PRO A 236 5.44 10.66 -33.68
CA PRO A 236 4.57 11.59 -32.96
C PRO A 236 5.31 11.90 -31.67
N MET A 237 5.82 13.11 -31.59
CA MET A 237 6.70 13.52 -30.50
C MET A 237 5.98 14.03 -29.28
N HIS A 238 6.50 13.63 -28.12
CA HIS A 238 6.07 14.16 -26.81
C HIS A 238 6.36 15.69 -26.90
N LYS A 239 5.55 16.57 -26.27
CA LYS A 239 5.72 18.03 -26.37
C LYS A 239 6.99 18.62 -25.70
N ASN A 240 7.77 17.83 -24.92
CA ASN A 240 9.03 18.28 -24.27
C ASN A 240 9.93 19.10 -25.23
N PRO A 241 10.12 20.45 -25.01
CA PRO A 241 10.95 21.29 -25.91
C PRO A 241 12.39 20.81 -26.17
N LYS A 242 13.05 20.23 -25.15
CA LYS A 242 14.45 19.78 -25.28
C LYS A 242 14.54 18.58 -26.23
N VAL A 243 13.64 17.61 -26.08
CA VAL A 243 13.65 16.43 -26.95
C VAL A 243 13.28 16.86 -28.37
N ARG A 244 12.33 17.80 -28.56
CA ARG A 244 12.01 18.31 -29.90
C ARG A 244 13.18 19.01 -30.56
N GLU A 245 14.01 19.74 -29.79
CA GLU A 245 15.22 20.36 -30.35
C GLU A 245 16.17 19.27 -30.84
N VAL A 246 16.38 18.24 -30.01
CA VAL A 246 17.27 17.11 -30.30
C VAL A 246 16.72 16.31 -31.51
N ALA A 247 15.41 16.08 -31.57
CA ALA A 247 14.78 15.40 -32.71
C ALA A 247 15.02 16.23 -33.99
N GLN A 248 14.79 17.56 -33.94
CA GLN A 248 14.98 18.42 -35.12
C GLN A 248 16.41 18.44 -35.68
N LYS A 249 17.42 18.40 -34.83
CA LYS A 249 18.81 18.42 -35.27
C LYS A 249 19.22 17.14 -35.98
N ILE A 250 18.86 15.98 -35.42
CA ILE A 250 19.26 14.69 -35.96
C ILE A 250 18.30 14.20 -37.06
N LEU A 251 16.99 14.42 -36.89
CA LEU A 251 15.93 13.87 -37.77
C LEU A 251 15.17 14.90 -38.61
N GLY A 252 15.44 16.23 -38.42
CA GLY A 252 14.69 17.27 -39.12
C GLY A 252 15.13 17.43 -40.58
N SER A 253 14.35 18.20 -41.36
CA SER A 253 14.56 18.50 -42.77
C SER A 253 14.74 17.25 -43.62
N HIS A 254 13.97 16.19 -43.35
CA HIS A 254 14.07 14.96 -44.13
C HIS A 254 12.64 14.63 -44.60
N ASP A 255 12.43 14.51 -45.92
CA ASP A 255 11.09 14.21 -46.47
C ASP A 255 10.61 12.77 -46.12
N ARG A 256 11.52 11.83 -45.76
CA ARG A 256 11.13 10.45 -45.34
C ARG A 256 11.03 10.33 -43.80
N ILE A 257 11.06 11.46 -43.09
CA ILE A 257 10.87 11.48 -41.65
C ILE A 257 9.77 12.46 -41.36
N GLU A 258 8.73 12.02 -40.65
CA GLU A 258 7.64 12.89 -40.23
C GLU A 258 7.76 13.12 -38.72
N LEU A 259 8.11 14.36 -38.31
CA LEU A 259 8.18 14.75 -36.90
C LEU A 259 6.87 15.48 -36.66
N ILE A 260 5.93 14.82 -35.99
CA ILE A 260 4.59 15.34 -35.82
C ILE A 260 4.17 15.40 -34.35
N GLU A 261 3.00 15.95 -34.10
CA GLU A 261 2.46 16.09 -32.75
C GLU A 261 1.91 14.72 -32.31
N PRO A 262 1.60 14.52 -31.00
CA PRO A 262 0.97 13.27 -30.54
C PRO A 262 -0.28 12.98 -31.36
N LEU A 263 -0.53 11.71 -31.72
CA LEU A 263 -1.70 11.38 -32.52
C LEU A 263 -2.87 11.04 -31.58
N ASP A 264 -4.13 11.30 -31.99
CA ASP A 264 -5.30 10.83 -31.22
C ASP A 264 -5.28 9.29 -31.37
N VAL A 265 -5.97 8.57 -30.49
CA VAL A 265 -5.89 7.10 -30.51
C VAL A 265 -6.38 6.47 -31.82
N VAL A 266 -7.39 7.02 -32.48
CA VAL A 266 -7.85 6.48 -33.77
C VAL A 266 -6.71 6.53 -34.77
N ASP A 267 -6.07 7.68 -34.90
CA ASP A 267 -4.96 7.82 -35.83
C ASP A 267 -3.77 6.97 -35.41
N PHE A 268 -3.44 6.93 -34.11
CA PHE A 268 -2.27 6.13 -33.71
C PHE A 268 -2.47 4.66 -34.02
N HIS A 269 -3.61 4.12 -33.64
CA HIS A 269 -3.86 2.68 -33.93
C HIS A 269 -3.86 2.38 -35.41
N ASN A 270 -4.44 3.27 -36.22
CA ASN A 270 -4.47 3.01 -37.68
C ASN A 270 -3.10 3.19 -38.28
N PHE A 271 -2.26 4.12 -37.75
CA PHE A 271 -0.87 4.24 -38.20
C PHE A 271 -0.13 2.98 -37.80
N ALA A 272 -0.34 2.52 -36.55
CA ALA A 272 0.38 1.33 -36.09
C ALA A 272 0.04 0.10 -36.98
N LYS A 273 -1.21 -0.04 -37.38
CA LYS A 273 -1.70 -1.15 -38.22
C LYS A 273 -1.02 -1.11 -39.61
N LYS A 274 -0.62 0.09 -40.12
CA LYS A 274 0.07 0.21 -41.42
C LYS A 274 1.60 0.26 -41.34
N SER A 275 2.18 0.35 -40.12
CA SER A 275 3.64 0.45 -39.96
C SER A 275 4.38 -0.83 -40.34
N TYR A 276 5.68 -0.71 -40.57
CA TYR A 276 6.56 -1.86 -40.85
C TYR A 276 6.86 -2.49 -39.47
N PHE A 277 7.38 -1.72 -38.54
CA PHE A 277 7.54 -2.16 -37.13
C PHE A 277 7.54 -0.95 -36.21
N ILE A 278 7.49 -1.18 -34.91
CA ILE A 278 7.41 -0.10 -33.94
C ILE A 278 8.64 -0.06 -33.09
N LEU A 279 9.11 1.14 -32.78
CA LEU A 279 10.26 1.41 -31.89
C LEU A 279 9.66 2.22 -30.75
N THR A 280 9.67 1.72 -29.52
CA THR A 280 9.03 2.49 -28.45
C THR A 280 9.47 2.10 -27.07
N ASP A 281 9.23 2.99 -26.11
CA ASP A 281 9.43 2.67 -24.68
C ASP A 281 8.05 2.61 -23.99
N SER A 282 6.96 2.68 -24.80
CA SER A 282 5.59 2.67 -24.28
C SER A 282 5.21 1.34 -23.64
N GLY A 283 4.46 1.35 -22.53
CA GLY A 283 3.95 0.11 -21.94
C GLY A 283 2.71 -0.34 -22.74
N GLY A 284 1.74 0.57 -22.97
CA GLY A 284 0.48 0.24 -23.68
C GLY A 284 0.71 -0.28 -25.12
N ILE A 285 1.69 0.27 -25.86
CA ILE A 285 1.91 -0.20 -27.24
C ILE A 285 2.40 -1.64 -27.28
N GLN A 286 3.17 -2.06 -26.27
CA GLN A 286 3.62 -3.45 -26.19
C GLN A 286 2.46 -4.41 -26.07
N GLU A 287 1.36 -4.00 -25.41
CA GLU A 287 0.18 -4.87 -25.30
C GLU A 287 -0.71 -4.83 -26.55
N GLU A 288 -0.70 -3.73 -27.29
CA GLU A 288 -1.53 -3.57 -28.49
C GLU A 288 -0.89 -4.20 -29.71
N ALA A 289 0.42 -4.02 -29.85
CA ALA A 289 1.15 -4.41 -31.06
C ALA A 289 0.94 -5.85 -31.56
N PRO A 290 0.90 -6.87 -30.69
CA PRO A 290 0.69 -8.24 -31.21
C PRO A 290 -0.66 -8.39 -31.90
N SER A 291 -1.67 -7.61 -31.52
CA SER A 291 -2.96 -7.68 -32.21
C SER A 291 -2.92 -7.02 -33.60
N PHE A 292 -1.92 -6.13 -33.86
CA PHE A 292 -1.71 -5.55 -35.18
C PHE A 292 -0.72 -6.38 -35.96
N ASN A 293 -0.19 -7.49 -35.39
CA ASN A 293 0.84 -8.31 -36.02
C ASN A 293 2.06 -7.45 -36.34
N LYS A 294 2.46 -6.51 -35.43
CA LYS A 294 3.61 -5.64 -35.67
C LYS A 294 4.70 -5.95 -34.70
N PRO A 295 5.89 -6.29 -35.15
CA PRO A 295 7.01 -6.49 -34.21
C PRO A 295 7.29 -5.19 -33.43
N VAL A 296 7.69 -5.27 -32.16
CA VAL A 296 8.05 -4.07 -31.36
C VAL A 296 9.47 -4.22 -30.85
N LEU A 297 10.31 -3.18 -30.99
CA LEU A 297 11.63 -3.15 -30.39
C LEU A 297 11.48 -2.20 -29.20
N VAL A 298 11.58 -2.73 -27.97
CA VAL A 298 11.31 -2.01 -26.74
C VAL A 298 12.60 -1.25 -26.31
N LEU A 299 12.51 0.09 -26.26
CA LEU A 299 13.64 1.01 -26.00
C LEU A 299 13.79 1.20 -24.52
N ARG A 300 14.11 0.10 -23.84
CA ARG A 300 14.27 0.06 -22.38
C ARG A 300 15.25 -1.03 -22.01
N SER A 301 15.79 -0.93 -20.79
CA SER A 301 16.76 -1.89 -20.28
C SER A 301 16.10 -2.99 -19.44
N VAL A 302 14.94 -2.71 -18.82
CA VAL A 302 14.19 -3.67 -18.01
C VAL A 302 12.71 -3.60 -18.42
N THR A 303 12.02 -4.75 -18.42
CA THR A 303 10.61 -4.81 -18.79
C THR A 303 9.75 -5.43 -17.68
N GLU A 304 8.51 -4.96 -17.56
CA GLU A 304 7.51 -5.54 -16.68
C GLU A 304 6.45 -6.22 -17.56
N ARG A 305 6.82 -6.56 -18.84
CA ARG A 305 5.95 -7.23 -19.83
C ARG A 305 6.78 -8.33 -20.51
N PRO A 306 7.26 -9.30 -19.72
CA PRO A 306 8.03 -10.40 -20.30
C PRO A 306 7.17 -11.34 -21.15
N GLU A 307 5.83 -11.29 -21.02
CA GLU A 307 4.95 -12.21 -21.75
C GLU A 307 5.12 -12.02 -23.26
N GLY A 308 5.27 -10.75 -23.73
CA GLY A 308 5.44 -10.48 -25.17
C GLY A 308 6.83 -10.92 -25.63
N VAL A 309 7.81 -10.92 -24.73
CA VAL A 309 9.16 -11.39 -25.04
C VAL A 309 9.09 -12.93 -25.22
N GLU A 310 8.40 -13.63 -24.29
CA GLU A 310 8.22 -15.08 -24.37
C GLU A 310 7.42 -15.49 -25.61
N ALA A 311 6.36 -14.72 -25.94
CA ALA A 311 5.55 -15.01 -27.12
C ALA A 311 6.31 -14.75 -28.41
N GLY A 312 7.28 -13.81 -28.39
CA GLY A 312 8.09 -13.49 -29.58
C GLY A 312 7.68 -12.19 -30.26
N THR A 313 6.64 -11.56 -29.74
CA THR A 313 6.09 -10.32 -30.30
C THR A 313 7.00 -9.11 -30.10
N LEU A 314 7.76 -9.09 -28.99
CA LEU A 314 8.62 -7.94 -28.66
C LEU A 314 10.01 -8.40 -28.34
N LYS A 315 10.91 -7.43 -28.37
CA LYS A 315 12.30 -7.67 -28.03
C LYS A 315 12.80 -6.44 -27.28
N VAL A 316 13.37 -6.66 -26.09
CA VAL A 316 13.84 -5.58 -25.21
C VAL A 316 15.26 -5.30 -25.64
N ILE A 317 15.52 -4.11 -26.23
CA ILE A 317 16.83 -3.82 -26.82
C ILE A 317 17.64 -2.71 -26.08
N GLY A 318 17.09 -2.04 -25.04
CA GLY A 318 17.86 -0.97 -24.37
C GLY A 318 17.91 0.28 -25.25
N THR A 319 18.82 1.20 -24.90
CA THR A 319 18.96 2.48 -25.61
C THR A 319 20.40 2.76 -26.06
N ASN A 320 21.27 1.73 -26.08
CA ASN A 320 22.63 1.92 -26.57
C ASN A 320 22.52 2.13 -28.09
N LYS A 321 23.25 3.10 -28.64
CA LYS A 321 23.20 3.44 -30.07
C LYS A 321 23.46 2.25 -30.97
N GLN A 322 24.48 1.44 -30.66
CA GLN A 322 24.82 0.28 -31.49
C GLN A 322 23.72 -0.79 -31.42
N ASN A 323 23.20 -1.10 -30.23
CA ASN A 323 22.15 -2.10 -30.02
C ASN A 323 20.86 -1.71 -30.73
N VAL A 324 20.43 -0.44 -30.61
CA VAL A 324 19.20 0.01 -31.29
C VAL A 324 19.36 -0.17 -32.80
N TYR A 325 20.48 0.30 -33.34
CA TYR A 325 20.77 0.19 -34.76
C TYR A 325 20.81 -1.28 -35.22
N GLN A 326 21.58 -2.13 -34.51
CA GLN A 326 21.76 -3.55 -34.88
C GLN A 326 20.48 -4.39 -34.74
N ALA A 327 19.68 -4.13 -33.71
CA ALA A 327 18.43 -4.85 -33.52
C ALA A 327 17.45 -4.51 -34.63
N ALA A 328 17.30 -3.21 -34.98
CA ALA A 328 16.42 -2.80 -36.08
C ALA A 328 16.91 -3.31 -37.44
N LYS A 329 18.22 -3.29 -37.66
CA LYS A 329 18.85 -3.79 -38.90
C LYS A 329 18.56 -5.29 -39.06
N GLU A 330 18.68 -6.06 -37.97
CA GLU A 330 18.35 -7.51 -37.99
C GLU A 330 16.89 -7.72 -38.40
N LEU A 331 15.96 -6.88 -37.86
CA LEU A 331 14.54 -6.99 -38.22
C LEU A 331 14.32 -6.73 -39.71
N ILE A 332 15.06 -5.79 -40.27
CA ILE A 332 14.97 -5.43 -41.69
C ILE A 332 15.56 -6.54 -42.57
N ASP A 333 16.73 -7.05 -42.21
CA ASP A 333 17.43 -8.07 -43.03
C ASP A 333 16.87 -9.47 -42.95
N ASP A 334 16.37 -9.90 -41.77
CA ASP A 334 15.88 -11.26 -41.58
C ASP A 334 14.35 -11.28 -41.68
N GLU A 335 13.83 -11.54 -42.90
CA GLU A 335 12.39 -11.59 -43.17
C GLU A 335 11.66 -12.68 -42.38
N ARG A 336 12.31 -13.84 -42.13
CA ARG A 336 11.67 -14.90 -41.35
C ARG A 336 11.46 -14.42 -39.88
N LEU A 337 12.50 -13.76 -39.25
CA LEU A 337 12.41 -13.20 -37.89
C LEU A 337 11.30 -12.16 -37.88
N TYR A 338 11.26 -11.27 -38.90
CA TYR A 338 10.18 -10.28 -38.97
C TYR A 338 8.83 -10.99 -38.96
N HIS A 339 8.67 -11.99 -39.84
CA HIS A 339 7.39 -12.67 -39.97
C HIS A 339 7.01 -13.47 -38.71
N GLN A 340 8.00 -14.05 -38.04
CA GLN A 340 7.72 -14.78 -36.80
C GLN A 340 7.28 -13.83 -35.72
N MET A 341 7.94 -12.68 -35.59
CA MET A 341 7.52 -11.69 -34.59
C MET A 341 6.14 -11.15 -34.92
N SER A 342 5.84 -10.93 -36.22
CA SER A 342 4.53 -10.44 -36.66
C SER A 342 3.43 -11.47 -36.36
N GLU A 343 3.68 -12.75 -36.65
CA GLU A 343 2.66 -13.78 -36.47
C GLU A 343 2.44 -14.27 -35.04
N ALA A 344 3.31 -13.92 -34.06
CA ALA A 344 3.17 -14.38 -32.68
C ALA A 344 1.82 -13.97 -32.10
N SER A 345 1.15 -14.86 -31.35
CA SER A 345 -0.18 -14.55 -30.79
C SER A 345 -0.05 -13.56 -29.66
N ASN A 346 -1.10 -12.77 -29.42
CA ASN A 346 -1.08 -11.78 -28.35
C ASN A 346 -1.27 -12.49 -27.00
N PRO A 347 -0.28 -12.47 -26.11
CA PRO A 347 -0.53 -13.08 -24.79
C PRO A 347 -1.32 -12.13 -23.88
N TYR A 348 -1.55 -10.86 -24.30
CA TYR A 348 -2.20 -9.85 -23.47
C TYR A 348 -3.68 -9.79 -23.57
N GLY A 349 -4.34 -10.54 -24.46
CA GLY A 349 -5.80 -10.44 -24.53
C GLY A 349 -6.34 -10.78 -25.89
N ASP A 350 -7.65 -10.94 -25.95
CA ASP A 350 -8.39 -11.30 -27.15
C ASP A 350 -9.50 -10.27 -27.46
N GLY A 351 -9.53 -9.11 -26.75
CA GLY A 351 -10.54 -8.08 -26.99
C GLY A 351 -11.81 -8.21 -26.18
N PHE A 352 -11.92 -9.21 -25.30
CA PHE A 352 -13.13 -9.38 -24.47
C PHE A 352 -12.80 -9.31 -22.97
N ALA A 353 -11.75 -8.59 -22.59
CA ALA A 353 -11.38 -8.43 -21.16
C ALA A 353 -12.47 -7.70 -20.39
N SER A 354 -13.08 -6.68 -21.00
CA SER A 354 -14.15 -5.91 -20.36
C SER A 354 -15.35 -6.77 -19.97
N GLU A 355 -15.78 -7.69 -20.87
CA GLU A 355 -16.93 -8.56 -20.60
C GLU A 355 -16.64 -9.48 -19.40
N ARG A 356 -15.41 -10.02 -19.34
CA ARG A 356 -14.97 -10.86 -18.23
C ARG A 356 -14.98 -10.04 -16.96
N ILE A 357 -14.40 -8.82 -16.99
CA ILE A 357 -14.36 -7.96 -15.79
C ILE A 357 -15.79 -7.70 -15.30
N VAL A 358 -16.70 -7.35 -16.20
CA VAL A 358 -18.12 -7.07 -15.86
C VAL A 358 -18.80 -8.28 -15.21
N ASN A 359 -18.58 -9.48 -15.77
CA ASN A 359 -19.17 -10.69 -15.19
C ASN A 359 -18.51 -11.06 -13.85
N HIS A 360 -17.19 -10.78 -13.66
CA HIS A 360 -16.55 -11.00 -12.34
C HIS A 360 -17.15 -10.05 -11.30
N ILE A 361 -17.46 -8.81 -11.71
CA ILE A 361 -18.04 -7.82 -10.81
C ILE A 361 -19.46 -8.28 -10.39
N LYS A 362 -20.28 -8.70 -11.36
CA LYS A 362 -21.65 -9.19 -11.07
C LYS A 362 -21.60 -10.39 -10.13
N TYR A 363 -20.73 -11.35 -10.40
CA TYR A 363 -20.55 -12.52 -9.54
C TYR A 363 -20.17 -12.09 -8.12
N TYR A 364 -19.13 -11.22 -8.00
CA TYR A 364 -18.66 -10.73 -6.70
C TYR A 364 -19.73 -10.00 -5.90
N LEU A 365 -20.61 -9.23 -6.58
CA LEU A 365 -21.71 -8.48 -5.94
C LEU A 365 -23.00 -9.35 -5.82
N ASN A 366 -22.88 -10.70 -5.95
CA ASN A 366 -23.98 -11.65 -5.80
C ASN A 366 -25.18 -11.41 -6.74
N LEU A 367 -24.92 -10.89 -7.96
CA LEU A 367 -25.97 -10.66 -8.95
C LEU A 367 -26.07 -11.82 -9.95
N ILE A 368 -25.06 -12.71 -10.00
CA ILE A 368 -25.02 -13.84 -10.92
C ILE A 368 -24.31 -15.02 -10.22
N THR A 369 -24.54 -16.25 -10.69
CA THR A 369 -23.94 -17.46 -10.12
C THR A 369 -22.68 -17.91 -10.87
N GLU A 370 -22.65 -17.73 -12.20
CA GLU A 370 -21.49 -18.12 -13.02
C GLU A 370 -20.32 -17.14 -12.86
N LYS A 371 -19.11 -17.66 -12.64
CA LYS A 371 -17.87 -16.89 -12.54
C LYS A 371 -17.13 -17.11 -13.87
N PRO A 372 -16.59 -16.05 -14.51
CA PRO A 372 -15.86 -16.26 -15.77
C PRO A 372 -14.55 -17.04 -15.61
N SER A 373 -14.21 -17.86 -16.61
CA SER A 373 -12.97 -18.63 -16.60
C SER A 373 -11.79 -17.68 -16.86
N ASP A 374 -10.58 -18.12 -16.54
CA ASP A 374 -9.38 -17.31 -16.75
C ASP A 374 -9.04 -17.23 -18.23
N PHE A 375 -8.75 -16.01 -18.75
CA PHE A 375 -8.30 -15.84 -20.13
C PHE A 375 -6.96 -16.56 -20.30
N GLY A 376 -6.78 -17.29 -21.43
CA GLY A 376 -5.55 -18.04 -21.71
N MET B 1 28.03 12.41 11.59
CA MET B 1 26.89 11.69 12.16
C MET B 1 25.79 11.57 11.12
N LYS B 2 24.84 10.64 11.33
CA LYS B 2 23.71 10.49 10.40
C LYS B 2 22.42 10.89 11.12
N LYS B 3 21.50 11.54 10.39
CA LYS B 3 20.22 11.99 10.95
C LYS B 3 19.18 10.89 10.80
N ILE B 4 18.62 10.40 11.94
CA ILE B 4 17.57 9.36 11.94
C ILE B 4 16.26 10.02 12.38
N MET B 5 15.35 10.27 11.43
CA MET B 5 14.07 10.90 11.78
C MET B 5 13.11 9.85 12.35
N THR B 6 12.55 10.07 13.54
CA THR B 6 11.60 9.15 14.19
C THR B 6 10.26 9.86 14.18
N ILE B 7 9.28 9.34 13.39
CA ILE B 7 7.96 9.96 13.28
C ILE B 7 6.95 9.12 14.07
N PHE B 8 6.17 9.74 14.98
CA PHE B 8 5.10 9.05 15.73
C PHE B 8 4.00 10.03 16.13
N GLY B 9 2.77 9.56 16.26
CA GLY B 9 1.62 10.46 16.46
C GLY B 9 0.62 10.11 17.52
N THR B 10 0.85 9.06 18.31
CA THR B 10 -0.12 8.66 19.32
C THR B 10 0.62 8.27 20.55
N ARG B 11 -0.08 8.21 21.68
CA ARG B 11 0.51 7.82 22.95
C ARG B 11 1.05 6.37 22.90
N PRO B 12 0.30 5.38 22.39
CA PRO B 12 0.84 4.01 22.34
C PRO B 12 2.14 3.92 21.50
N GLU B 13 2.17 4.68 20.41
CA GLU B 13 3.30 4.72 19.49
C GLU B 13 4.50 5.40 20.16
N ALA B 14 4.24 6.48 20.96
CA ALA B 14 5.27 7.22 21.72
C ALA B 14 5.89 6.33 22.78
N ILE B 15 5.08 5.48 23.46
CA ILE B 15 5.61 4.56 24.45
C ILE B 15 6.62 3.61 23.79
N LYS B 16 6.24 3.04 22.62
CA LYS B 16 7.11 2.07 21.95
C LYS B 16 8.31 2.71 21.28
N MET B 17 8.18 3.92 20.76
CA MET B 17 9.33 4.59 20.11
C MET B 17 10.26 5.28 21.11
N ALA B 18 9.76 5.71 22.30
CA ALA B 18 10.61 6.40 23.29
C ALA B 18 11.94 5.69 23.64
N PRO B 19 11.96 4.40 24.01
CA PRO B 19 13.25 3.76 24.30
C PRO B 19 14.19 3.73 23.10
N LEU B 20 13.63 3.70 21.88
CA LEU B 20 14.44 3.73 20.67
C LEU B 20 15.02 5.13 20.48
N VAL B 21 14.23 6.17 20.79
CA VAL B 21 14.77 7.54 20.73
C VAL B 21 15.92 7.68 21.75
N LYS B 22 15.78 7.11 22.95
CA LYS B 22 16.85 7.18 23.97
C LYS B 22 18.10 6.41 23.52
N ALA B 23 17.94 5.24 22.86
CA ALA B 23 19.08 4.49 22.33
C ALA B 23 19.75 5.26 21.18
N LEU B 24 18.97 5.94 20.32
CA LEU B 24 19.54 6.76 19.24
C LEU B 24 20.28 7.97 19.83
N GLU B 25 19.77 8.53 20.94
CA GLU B 25 20.45 9.64 21.65
C GLU B 25 21.80 9.18 22.21
N GLN B 26 21.83 8.00 22.85
CA GLN B 26 23.06 7.45 23.45
C GLN B 26 24.11 7.06 22.40
N GLU B 27 23.67 6.70 21.18
CA GLU B 27 24.56 6.27 20.10
C GLU B 27 25.34 7.48 19.57
N LYS B 28 26.66 7.39 19.57
CA LYS B 28 27.53 8.51 19.16
C LYS B 28 27.41 8.92 17.70
N MET B 29 27.27 7.96 16.79
CA MET B 29 27.23 8.24 15.35
C MET B 29 25.85 8.57 14.76
N LEU B 30 24.77 8.55 15.56
CA LEU B 30 23.43 8.82 15.01
C LEU B 30 22.77 9.92 15.75
N GLU B 31 21.95 10.72 15.08
CA GLU B 31 21.23 11.81 15.74
C GLU B 31 19.73 11.59 15.49
N PRO B 32 18.90 11.39 16.54
CA PRO B 32 17.46 11.28 16.28
C PRO B 32 16.84 12.66 16.06
N ILE B 33 15.94 12.78 15.07
CA ILE B 33 15.14 13.97 14.81
C ILE B 33 13.71 13.52 15.13
N VAL B 34 13.17 13.95 16.29
CA VAL B 34 11.84 13.51 16.74
C VAL B 34 10.77 14.41 16.14
N VAL B 35 9.86 13.82 15.36
CA VAL B 35 8.77 14.53 14.72
C VAL B 35 7.47 13.93 15.27
N VAL B 36 6.65 14.73 15.95
CA VAL B 36 5.38 14.23 16.47
C VAL B 36 4.27 14.89 15.72
N THR B 37 3.23 14.11 15.40
CA THR B 37 2.06 14.59 14.65
C THR B 37 0.86 14.83 15.58
N ALA B 38 0.94 14.32 16.84
CA ALA B 38 -0.04 14.49 17.91
C ALA B 38 -1.52 14.28 17.56
N GLN B 39 -1.92 13.03 17.16
CA GLN B 39 -3.34 12.70 17.01
C GLN B 39 -3.83 12.68 18.46
N HIS B 40 -3.06 11.99 19.35
CA HIS B 40 -3.25 12.03 20.81
C HIS B 40 -2.35 13.22 21.24
N ARG B 41 -2.91 14.26 21.89
CA ARG B 41 -2.18 15.50 22.27
C ARG B 41 -1.77 15.54 23.76
N GLU B 42 -2.75 15.45 24.66
CA GLU B 42 -2.51 15.58 26.11
C GLU B 42 -1.71 14.42 26.70
N MET B 43 -2.17 13.18 26.46
CA MET B 43 -1.51 11.97 26.98
C MET B 43 -0.13 11.73 26.35
N LEU B 44 0.08 12.21 25.10
CA LEU B 44 1.36 12.10 24.41
C LEU B 44 2.46 12.86 25.19
N ASP B 45 2.11 14.03 25.82
CA ASP B 45 3.06 14.85 26.59
C ASP B 45 3.61 14.16 27.84
N SER B 46 2.76 13.44 28.62
CA SER B 46 3.26 12.74 29.83
C SER B 46 4.23 11.60 29.46
N VAL B 47 4.05 10.97 28.27
CA VAL B 47 4.99 9.93 27.83
C VAL B 47 6.30 10.61 27.51
N LEU B 48 6.27 11.72 26.76
CA LEU B 48 7.47 12.44 26.38
C LEU B 48 8.27 12.93 27.62
N SER B 49 7.59 13.38 28.70
CA SER B 49 8.28 13.82 29.92
C SER B 49 8.83 12.64 30.73
N THR B 50 8.11 11.49 30.80
CA THR B 50 8.60 10.28 31.48
C THR B 50 9.95 9.84 30.91
N PHE B 51 10.10 9.88 29.57
CA PHE B 51 11.33 9.46 28.89
C PHE B 51 12.27 10.64 28.60
N GLU B 52 11.88 11.88 28.97
CA GLU B 52 12.70 13.08 28.75
C GLU B 52 13.03 13.27 27.27
N ILE B 53 11.99 13.36 26.42
CA ILE B 53 12.16 13.58 24.99
C ILE B 53 11.48 14.88 24.64
N LYS B 54 12.18 15.76 23.93
CA LYS B 54 11.65 17.04 23.47
C LYS B 54 11.55 16.95 21.95
N PRO B 55 10.34 16.97 21.35
CA PRO B 55 10.24 16.89 19.90
C PRO B 55 10.87 18.10 19.21
N LYS B 56 11.57 17.86 18.09
CA LYS B 56 12.14 18.93 17.28
C LYS B 56 10.96 19.57 16.53
N TYR B 57 10.00 18.72 16.07
CA TYR B 57 8.80 19.17 15.35
C TYR B 57 7.56 18.64 16.03
N ASP B 58 6.57 19.51 16.22
CA ASP B 58 5.30 19.16 16.82
C ASP B 58 4.24 19.72 15.88
N LEU B 59 3.71 18.86 15.01
CA LEU B 59 2.74 19.26 14.01
C LEU B 59 1.35 19.13 14.59
N ASN B 60 0.42 19.97 14.14
CA ASN B 60 -0.95 19.93 14.67
C ASN B 60 -1.77 19.26 13.61
N ILE B 61 -1.99 17.93 13.78
CA ILE B 61 -2.76 17.11 12.84
C ILE B 61 -3.66 16.17 13.65
N MET B 62 -4.67 16.76 14.31
CA MET B 62 -5.64 16.02 15.13
N GLN B 66 -12.49 14.79 11.66
CA GLN B 66 -11.76 14.63 10.40
C GLN B 66 -11.77 13.19 9.88
N THR B 67 -11.97 13.03 8.57
CA THR B 67 -12.02 11.71 7.95
C THR B 67 -10.60 11.11 7.87
N LEU B 68 -10.52 9.81 7.58
CA LEU B 68 -9.23 9.13 7.44
C LEU B 68 -8.47 9.73 6.26
N SER B 69 -9.19 10.12 5.18
CA SER B 69 -8.60 10.77 4.00
C SER B 69 -7.96 12.09 4.38
N GLU B 70 -8.67 12.91 5.16
CA GLU B 70 -8.15 14.23 5.56
C GLU B 70 -6.93 14.10 6.46
N ILE B 71 -6.93 13.13 7.39
CA ILE B 71 -5.77 12.92 8.27
C ILE B 71 -4.55 12.57 7.40
N THR B 72 -4.72 11.59 6.48
CA THR B 72 -3.63 11.16 5.61
C THR B 72 -3.17 12.29 4.73
N SER B 73 -4.11 13.00 4.11
CA SER B 73 -3.80 14.12 3.22
C SER B 73 -2.94 15.19 3.94
N LYS B 74 -3.38 15.63 5.12
CA LYS B 74 -2.63 16.65 5.88
C LYS B 74 -1.28 16.15 6.39
N SER B 75 -1.23 14.92 6.91
CA SER B 75 0.03 14.34 7.41
C SER B 75 1.11 14.22 6.33
N ILE B 76 0.78 13.70 5.14
CA ILE B 76 1.77 13.49 4.07
C ILE B 76 2.43 14.82 3.66
N THR B 77 1.65 15.89 3.40
CA THR B 77 2.27 17.15 2.98
C THR B 77 3.12 17.78 4.08
N GLN B 78 2.63 17.81 5.32
CA GLN B 78 3.41 18.39 6.42
C GLN B 78 4.65 17.57 6.76
N LEU B 79 4.56 16.22 6.73
CA LEU B 79 5.74 15.39 7.00
C LEU B 79 6.75 15.52 5.86
N GLU B 80 6.28 15.71 4.62
CA GLU B 80 7.22 15.94 3.51
C GLU B 80 8.01 17.24 3.76
N GLN B 81 7.32 18.33 4.19
CA GLN B 81 7.97 19.63 4.47
C GLN B 81 9.07 19.45 5.51
N VAL B 82 8.80 18.69 6.58
CA VAL B 82 9.80 18.38 7.61
C VAL B 82 10.94 17.53 7.01
N ILE B 83 10.62 16.51 6.18
CA ILE B 83 11.66 15.64 5.55
C ILE B 83 12.60 16.46 4.63
N GLN B 84 12.02 17.35 3.81
CA GLN B 84 12.82 18.18 2.89
C GLN B 84 13.67 19.23 3.63
N LEU B 85 13.18 19.74 4.76
CA LEU B 85 13.92 20.71 5.56
C LEU B 85 15.11 20.04 6.29
N GLU B 86 14.88 18.86 6.89
CA GLU B 86 15.90 18.13 7.65
C GLU B 86 16.84 17.29 6.82
N LYS B 87 16.35 16.74 5.69
CA LYS B 87 17.15 15.87 4.83
C LYS B 87 17.74 14.69 5.63
N PRO B 88 16.87 13.91 6.33
CA PRO B 88 17.36 12.79 7.11
C PRO B 88 17.99 11.70 6.24
N ASP B 89 18.91 10.93 6.83
CA ASP B 89 19.53 9.80 6.13
C ASP B 89 18.59 8.60 6.16
N MET B 90 17.67 8.58 7.15
CA MET B 90 16.69 7.50 7.25
C MET B 90 15.47 8.01 8.01
N VAL B 91 14.27 7.57 7.64
CA VAL B 91 13.04 7.88 8.36
C VAL B 91 12.58 6.58 9.03
N LEU B 92 12.27 6.61 10.36
CA LEU B 92 11.76 5.46 11.09
C LEU B 92 10.31 5.73 11.39
N VAL B 93 9.43 4.77 11.05
CA VAL B 93 8.00 4.83 11.34
C VAL B 93 7.69 3.59 12.13
N HIS B 94 6.64 3.66 12.94
CA HIS B 94 6.30 2.56 13.82
C HIS B 94 4.95 1.94 13.52
N GLY B 95 4.89 0.62 13.51
CA GLY B 95 3.62 -0.08 13.52
C GLY B 95 2.64 0.19 12.42
N ASP B 96 1.44 0.70 12.76
CA ASP B 96 0.37 0.71 11.81
C ASP B 96 -0.66 1.82 11.93
N THR B 97 -0.27 3.02 12.38
CA THR B 97 -1.23 4.12 12.50
C THR B 97 -1.26 4.94 11.21
N MET B 98 -2.13 5.93 11.17
CA MET B 98 -2.24 6.81 10.01
C MET B 98 -0.90 7.53 9.78
N THR B 99 -0.22 7.93 10.87
CA THR B 99 1.09 8.64 10.78
C THR B 99 2.16 7.73 10.21
N THR B 100 2.11 6.44 10.58
CA THR B 100 3.10 5.48 10.08
C THR B 100 3.09 5.45 8.56
N PHE B 101 1.90 5.26 7.97
CA PHE B 101 1.81 5.19 6.52
C PHE B 101 2.13 6.54 5.89
N ALA B 102 1.55 7.66 6.41
CA ALA B 102 1.82 8.99 5.82
C ALA B 102 3.32 9.36 5.85
N GLY B 103 4.00 9.07 6.97
CA GLY B 103 5.44 9.32 7.11
C GLY B 103 6.24 8.43 6.17
N GLY B 104 5.87 7.14 6.06
CA GLY B 104 6.57 6.22 5.15
C GLY B 104 6.40 6.67 3.68
N LEU B 105 5.17 7.09 3.29
CA LEU B 105 4.91 7.51 1.92
C LEU B 105 5.66 8.82 1.57
N ALA B 106 5.66 9.80 2.49
CA ALA B 106 6.39 11.06 2.27
C ALA B 106 7.91 10.76 2.14
N ALA B 107 8.45 9.86 2.98
CA ALA B 107 9.86 9.45 2.90
C ALA B 107 10.15 8.83 1.55
N PHE B 108 9.27 7.91 1.09
CA PHE B 108 9.43 7.23 -0.20
C PHE B 108 9.44 8.21 -1.36
N TYR B 109 8.49 9.16 -1.40
CA TYR B 109 8.43 10.15 -2.47
C TYR B 109 9.70 11.00 -2.53
N ASN B 110 10.40 11.15 -1.39
CA ASN B 110 11.65 11.91 -1.29
C ASN B 110 12.89 11.01 -1.33
N GLN B 111 12.70 9.72 -1.68
CA GLN B 111 13.77 8.74 -1.82
C GLN B 111 14.67 8.64 -0.57
N VAL B 112 14.05 8.69 0.63
CA VAL B 112 14.79 8.53 1.89
C VAL B 112 14.59 7.07 2.35
N PRO B 113 15.66 6.36 2.76
CA PRO B 113 15.47 4.97 3.22
C PRO B 113 14.49 4.91 4.42
N ILE B 114 13.68 3.85 4.50
CA ILE B 114 12.67 3.69 5.57
C ILE B 114 12.95 2.47 6.41
N GLY B 115 12.90 2.64 7.75
CA GLY B 115 13.03 1.56 8.72
C GLY B 115 11.65 1.42 9.38
N HIS B 116 11.06 0.23 9.35
CA HIS B 116 9.74 -0.01 9.93
C HIS B 116 9.92 -0.71 11.27
N VAL B 117 9.71 0.03 12.37
CA VAL B 117 9.79 -0.51 13.74
C VAL B 117 8.50 -1.27 13.98
N GLU B 118 8.57 -2.53 14.46
CA GLU B 118 7.40 -3.40 14.69
C GLU B 118 6.77 -3.75 13.32
N ALA B 119 7.57 -4.42 12.50
CA ALA B 119 7.16 -4.79 11.15
C ALA B 119 6.60 -6.18 11.07
N GLY B 120 5.66 -6.40 10.13
CA GLY B 120 5.20 -7.75 9.80
C GLY B 120 4.08 -8.35 10.57
N LEU B 121 3.39 -7.59 11.43
CA LEU B 121 2.24 -8.16 12.14
C LEU B 121 1.11 -8.30 11.11
N ARG B 122 0.38 -9.42 11.16
CA ARG B 122 -0.72 -9.65 10.22
C ARG B 122 -1.90 -10.34 10.86
N SER B 123 -3.09 -9.80 10.63
CA SER B 123 -4.35 -10.46 10.94
C SER B 123 -4.81 -11.14 9.62
N TYR B 124 -4.34 -10.65 8.43
CA TYR B 124 -4.74 -11.06 7.08
C TYR B 124 -6.26 -10.84 6.85
N ASP B 125 -6.81 -9.80 7.51
CA ASP B 125 -8.20 -9.38 7.37
C ASP B 125 -8.19 -7.86 7.20
N LYS B 126 -8.48 -7.41 5.99
CA LYS B 126 -8.50 -6.01 5.58
C LYS B 126 -9.37 -5.10 6.45
N TYR B 127 -10.44 -5.62 7.06
CA TYR B 127 -11.32 -4.81 7.90
C TYR B 127 -11.19 -5.08 9.38
N SER B 128 -10.16 -5.82 9.81
CA SER B 128 -9.95 -6.05 11.24
C SER B 128 -8.50 -6.39 11.54
N PRO B 129 -7.75 -5.51 12.22
CA PRO B 129 -8.13 -4.15 12.69
C PRO B 129 -8.20 -3.19 11.49
N PHE B 130 -9.18 -2.26 11.50
CA PHE B 130 -9.39 -1.27 10.46
C PHE B 130 -9.05 0.11 11.02
N PRO B 131 -8.15 0.90 10.37
CA PRO B 131 -7.38 0.63 9.13
C PRO B 131 -5.97 0.04 9.38
N GLU B 132 -5.66 -0.42 10.61
CA GLU B 132 -4.33 -0.87 10.97
C GLU B 132 -3.79 -2.02 10.13
N GLU B 133 -4.60 -3.05 9.83
CA GLU B 133 -4.06 -4.17 9.02
C GLU B 133 -3.52 -3.66 7.68
N VAL B 134 -4.32 -2.88 6.98
CA VAL B 134 -3.90 -2.30 5.69
C VAL B 134 -2.69 -1.39 5.87
N ASN B 135 -2.68 -0.52 6.90
CA ASN B 135 -1.54 0.37 7.13
C ASN B 135 -0.20 -0.38 7.24
N ARG B 136 -0.14 -1.43 8.06
CA ARG B 136 1.13 -2.17 8.18
C ARG B 136 1.47 -2.92 6.89
N GLN B 137 0.46 -3.37 6.13
CA GLN B 137 0.75 -4.02 4.82
C GLN B 137 1.27 -2.97 3.83
N LEU B 138 0.67 -1.75 3.82
CA LEU B 138 1.15 -0.68 2.92
C LEU B 138 2.58 -0.26 3.27
N VAL B 139 2.88 -0.12 4.55
CA VAL B 139 4.25 0.24 4.99
C VAL B 139 5.21 -0.90 4.64
N GLY B 140 4.76 -2.17 4.70
CA GLY B 140 5.62 -3.30 4.31
C GLY B 140 6.10 -3.20 2.85
N VAL B 141 5.29 -2.57 1.98
CA VAL B 141 5.66 -2.34 0.57
C VAL B 141 6.81 -1.30 0.48
N LEU B 142 6.75 -0.26 1.30
CA LEU B 142 7.68 0.87 1.24
C LEU B 142 9.01 0.67 1.94
N ALA B 143 9.03 -0.07 3.06
CA ALA B 143 10.20 -0.18 3.94
C ALA B 143 11.45 -0.84 3.31
N ASP B 144 12.62 -0.30 3.67
CA ASP B 144 13.94 -0.81 3.29
C ASP B 144 14.45 -1.78 4.35
N LEU B 145 14.09 -1.56 5.63
CA LEU B 145 14.47 -2.41 6.75
C LEU B 145 13.21 -2.71 7.53
N HIS B 146 12.95 -3.99 7.81
CA HIS B 146 11.77 -4.43 8.55
C HIS B 146 12.24 -4.94 9.91
N PHE B 147 11.99 -4.18 10.98
CA PHE B 147 12.40 -4.63 12.32
C PHE B 147 11.26 -5.43 12.88
N ALA B 148 11.27 -6.72 12.61
CA ALA B 148 10.21 -7.62 13.05
C ALA B 148 10.34 -7.92 14.55
N PRO B 149 9.23 -7.90 15.32
CA PRO B 149 9.37 -8.19 16.75
C PRO B 149 9.62 -9.66 17.05
N THR B 150 9.07 -10.56 16.23
CA THR B 150 9.21 -12.00 16.44
C THR B 150 9.55 -12.71 15.13
N LYS B 151 9.94 -13.98 15.25
CA LYS B 151 10.25 -14.81 14.06
C LYS B 151 8.97 -15.03 13.26
N ASN B 152 7.81 -15.13 13.94
CA ASN B 152 6.52 -15.29 13.27
C ASN B 152 6.24 -14.06 12.37
N ALA B 153 6.49 -12.84 12.88
CA ALA B 153 6.27 -11.63 12.05
C ALA B 153 7.27 -11.60 10.89
N ALA B 154 8.54 -11.96 11.15
CA ALA B 154 9.54 -12.01 10.06
C ALA B 154 9.10 -13.04 8.99
N SER B 155 8.50 -14.18 9.39
CA SER B 155 8.01 -15.18 8.43
C SER B 155 6.92 -14.65 7.53
N HIS B 156 6.08 -13.76 8.04
CA HIS B 156 5.06 -13.13 7.20
C HIS B 156 5.73 -12.32 6.10
N LEU B 157 6.72 -11.52 6.48
CA LEU B 157 7.41 -10.69 5.50
C LEU B 157 8.20 -11.53 4.50
N LEU B 158 8.92 -12.55 4.98
CA LEU B 158 9.69 -13.43 4.07
C LEU B 158 8.73 -14.16 3.10
N SER B 159 7.57 -14.64 3.58
CA SER B 159 6.58 -15.30 2.73
C SER B 159 5.93 -14.39 1.70
N GLU B 160 5.88 -13.06 1.98
CA GLU B 160 5.33 -12.09 1.05
C GLU B 160 6.35 -11.70 -0.02
N GLY B 161 7.62 -12.12 0.11
CA GLY B 161 8.64 -11.82 -0.89
C GLY B 161 9.54 -10.65 -0.54
N LYS B 162 9.56 -10.18 0.75
CA LYS B 162 10.48 -9.10 1.14
C LYS B 162 11.90 -9.68 1.07
N TYR B 163 12.87 -8.88 0.65
CA TYR B 163 14.24 -9.36 0.54
C TYR B 163 14.79 -9.89 1.88
N SER B 164 15.26 -11.13 1.87
CA SER B 164 15.80 -11.87 3.02
C SER B 164 16.64 -11.01 4.00
N GLU B 165 17.61 -10.26 3.49
CA GLU B 165 18.52 -9.45 4.31
C GLU B 165 17.88 -8.17 4.90
N SER B 166 16.73 -7.73 4.35
CA SER B 166 16.01 -6.56 4.84
C SER B 166 15.11 -6.88 6.05
N VAL B 167 14.84 -8.18 6.31
CA VAL B 167 13.98 -8.65 7.40
C VAL B 167 14.85 -9.10 8.57
N VAL B 168 14.75 -8.42 9.73
CA VAL B 168 15.55 -8.75 10.93
C VAL B 168 14.65 -8.83 12.15
N VAL B 169 14.89 -9.80 13.04
CA VAL B 169 14.10 -10.00 14.25
C VAL B 169 14.80 -9.29 15.39
N THR B 170 14.15 -8.27 15.97
CA THR B 170 14.74 -7.49 17.06
C THR B 170 14.06 -7.66 18.42
N GLY B 171 12.83 -8.18 18.48
CA GLY B 171 12.04 -8.16 19.74
C GLY B 171 11.23 -6.82 19.65
N ASN B 172 10.22 -6.68 20.50
CA ASN B 172 9.35 -5.52 20.50
C ASN B 172 9.88 -4.50 21.50
N THR B 173 9.99 -3.22 21.09
CA THR B 173 10.47 -2.15 21.96
C THR B 173 9.52 -1.90 23.16
N ALA B 174 8.28 -2.42 23.17
CA ALA B 174 7.36 -2.30 24.33
C ALA B 174 8.04 -2.84 25.61
N ILE B 175 8.81 -3.93 25.48
CA ILE B 175 9.47 -4.51 26.65
C ILE B 175 10.61 -3.58 27.11
N ASP B 176 11.33 -2.91 26.16
CA ASP B 176 12.39 -1.96 26.49
C ASP B 176 11.82 -0.80 27.32
N ALA B 177 10.63 -0.30 26.96
CA ALA B 177 10.02 0.84 27.67
C ALA B 177 9.77 0.52 29.14
N MET B 178 9.45 -0.76 29.47
CA MET B 178 9.19 -1.19 30.86
C MET B 178 10.42 -1.00 31.79
N LYS B 179 11.65 -0.87 31.22
CA LYS B 179 12.86 -0.59 32.01
C LYS B 179 12.82 0.84 32.58
N TYR B 180 12.05 1.75 31.92
CA TYR B 180 11.93 3.16 32.32
C TYR B 180 10.74 3.42 33.21
N THR B 181 9.78 2.48 33.34
CA THR B 181 8.56 2.71 34.11
C THR B 181 8.62 2.08 35.50
N VAL B 182 9.83 1.72 36.01
CA VAL B 182 9.97 1.16 37.35
C VAL B 182 10.03 2.35 38.30
N ASP B 183 9.17 2.39 39.33
CA ASP B 183 9.20 3.47 40.31
C ASP B 183 9.33 2.78 41.66
N ASP B 184 10.50 2.91 42.33
CA ASP B 184 10.75 2.27 43.64
C ASP B 184 9.84 2.85 44.72
N ASN B 185 9.63 4.17 44.71
CA ASN B 185 8.72 4.84 45.65
C ASN B 185 7.29 4.87 45.05
N TYR B 186 6.82 3.74 44.44
CA TYR B 186 5.49 3.71 43.83
C TYR B 186 4.45 3.51 44.91
N LYS B 187 3.32 4.22 44.80
CA LYS B 187 2.20 4.06 45.75
C LYS B 187 0.90 4.40 45.02
N SER B 188 -0.19 3.82 45.43
CA SER B 188 -1.43 4.24 44.84
C SER B 188 -2.55 4.05 45.83
N ASN B 189 -3.35 5.09 46.06
CA ASN B 189 -4.50 5.03 46.97
C ASN B 189 -5.61 4.15 46.41
N ILE B 190 -5.75 4.06 45.07
CA ILE B 190 -6.73 3.14 44.47
C ILE B 190 -6.30 1.70 44.76
N MET B 191 -5.01 1.37 44.56
CA MET B 191 -4.51 0.01 44.87
C MET B 191 -4.71 -0.31 46.35
N ASP B 192 -4.43 0.67 47.25
CA ASP B 192 -4.62 0.46 48.68
C ASP B 192 -6.10 0.21 48.99
N LYS B 193 -7.02 0.93 48.35
CA LYS B 193 -8.46 0.70 48.58
C LYS B 193 -8.86 -0.76 48.29
N TYR B 194 -8.23 -1.40 47.27
CA TYR B 194 -8.51 -2.78 46.85
C TYR B 194 -7.45 -3.78 47.30
N HIS B 195 -6.71 -3.45 48.37
CA HIS B 195 -5.68 -4.30 48.97
C HIS B 195 -6.23 -5.70 49.34
N ASP B 196 -7.51 -5.79 49.69
CA ASP B 196 -8.22 -7.03 50.05
C ASP B 196 -9.04 -7.63 48.88
N LYS B 197 -8.82 -7.18 47.64
CA LYS B 197 -9.57 -7.66 46.47
C LYS B 197 -8.59 -8.08 45.40
N LYS B 198 -9.09 -8.85 44.43
CA LYS B 198 -8.34 -9.24 43.24
C LYS B 198 -8.95 -8.36 42.16
N PHE B 199 -8.23 -7.40 41.59
CA PHE B 199 -8.88 -6.54 40.61
C PHE B 199 -8.54 -6.90 39.16
N ILE B 200 -9.55 -6.78 38.29
CA ILE B 200 -9.38 -6.94 36.85
C ILE B 200 -8.96 -5.54 36.34
N LEU B 201 -7.93 -5.46 35.49
CA LEU B 201 -7.53 -4.19 34.86
C LEU B 201 -8.12 -4.25 33.44
N MET B 202 -9.03 -3.35 33.09
CA MET B 202 -9.67 -3.37 31.77
C MET B 202 -9.39 -2.13 30.98
N THR B 203 -9.13 -2.26 29.67
CA THR B 203 -9.05 -1.08 28.78
C THR B 203 -9.77 -1.52 27.51
N ALA B 204 -10.35 -0.57 26.77
CA ALA B 204 -11.05 -0.88 25.51
C ALA B 204 -11.00 0.30 24.57
N HIS B 205 -10.73 0.04 23.29
CA HIS B 205 -10.71 1.09 22.27
C HIS B 205 -12.10 1.66 22.01
N ARG B 206 -12.11 2.90 21.52
CA ARG B 206 -13.34 3.64 21.23
C ARG B 206 -14.20 2.93 20.16
N ARG B 207 -13.51 2.35 19.14
CA ARG B 207 -14.20 1.61 18.06
C ARG B 207 -15.06 0.44 18.53
N GLU B 208 -14.82 -0.11 19.77
CA GLU B 208 -15.65 -1.22 20.29
C GLU B 208 -17.08 -0.78 20.53
N ASN B 209 -17.34 0.53 20.66
CA ASN B 209 -18.67 1.07 20.89
C ASN B 209 -19.42 1.29 19.57
N ILE B 210 -18.87 0.85 18.42
CA ILE B 210 -19.59 0.91 17.15
C ILE B 210 -20.27 -0.46 17.12
N GLY B 211 -21.55 -0.48 17.43
CA GLY B 211 -22.30 -1.73 17.59
C GLY B 211 -22.31 -2.07 19.09
N LYS B 212 -22.50 -3.34 19.42
CA LYS B 212 -22.66 -3.81 20.80
C LYS B 212 -21.41 -4.42 21.52
N PRO B 213 -20.20 -4.49 20.92
CA PRO B 213 -19.10 -5.14 21.67
C PRO B 213 -18.86 -4.56 23.06
N MET B 214 -18.78 -3.25 23.18
CA MET B 214 -18.49 -2.58 24.45
C MET B 214 -19.55 -2.88 25.50
N GLU B 215 -20.83 -2.77 25.11
CA GLU B 215 -21.96 -3.09 25.99
C GLU B 215 -21.92 -4.55 26.45
N ASN B 216 -21.60 -5.49 25.52
CA ASN B 216 -21.47 -6.91 25.84
C ASN B 216 -20.38 -7.13 26.90
N ILE B 217 -19.19 -6.54 26.63
CA ILE B 217 -18.04 -6.67 27.54
C ILE B 217 -18.43 -6.15 28.93
N PHE B 218 -19.01 -4.95 29.01
CA PHE B 218 -19.36 -4.34 30.30
C PHE B 218 -20.41 -5.14 31.05
N LYS B 219 -21.44 -5.68 30.36
CA LYS B 219 -22.44 -6.49 31.06
C LYS B 219 -21.85 -7.78 31.58
N ALA B 220 -20.92 -8.41 30.82
CA ALA B 220 -20.25 -9.63 31.28
C ALA B 220 -19.42 -9.34 32.52
N VAL B 221 -18.64 -8.25 32.51
CA VAL B 221 -17.80 -7.86 33.64
C VAL B 221 -18.63 -7.47 34.86
N ARG B 222 -19.73 -6.74 34.65
CA ARG B 222 -20.58 -6.35 35.79
C ARG B 222 -21.15 -7.60 36.45
N ARG B 223 -21.53 -8.59 35.63
CA ARG B 223 -22.06 -9.83 36.19
C ARG B 223 -21.00 -10.53 37.05
N LEU B 224 -19.75 -10.55 36.61
CA LEU B 224 -18.69 -11.16 37.41
C LEU B 224 -18.48 -10.41 38.71
N ILE B 225 -18.58 -9.07 38.67
CA ILE B 225 -18.39 -8.30 39.91
C ILE B 225 -19.53 -8.60 40.89
N ASP B 226 -20.75 -8.75 40.37
CA ASP B 226 -21.91 -9.06 41.22
C ASP B 226 -21.79 -10.43 41.86
N GLU B 227 -21.35 -11.41 41.09
CA GLU B 227 -21.24 -12.80 41.54
C GLU B 227 -20.06 -13.09 42.46
N TYR B 228 -18.93 -12.37 42.31
CA TYR B 228 -17.71 -12.59 43.10
C TYR B 228 -17.39 -11.36 43.94
N THR B 229 -17.77 -11.36 45.26
CA THR B 229 -17.58 -10.19 46.16
C THR B 229 -16.12 -9.81 46.46
N ASP B 230 -15.16 -10.73 46.27
CA ASP B 230 -13.73 -10.45 46.46
C ASP B 230 -13.07 -9.85 45.18
N LEU B 231 -13.85 -9.64 44.10
CA LEU B 231 -13.35 -9.14 42.82
C LEU B 231 -13.58 -7.63 42.76
N ALA B 232 -12.72 -6.92 42.02
CA ALA B 232 -12.88 -5.48 41.79
C ALA B 232 -12.49 -5.20 40.35
N LEU B 233 -12.82 -4.01 39.85
CA LEU B 233 -12.48 -3.65 38.47
C LEU B 233 -11.87 -2.28 38.45
N VAL B 234 -10.74 -2.13 37.74
CA VAL B 234 -10.13 -0.80 37.50
C VAL B 234 -10.19 -0.58 35.99
N TYR B 235 -10.88 0.47 35.58
CA TYR B 235 -11.08 0.76 34.16
C TYR B 235 -10.68 2.20 33.84
N PRO B 236 -9.47 2.40 33.30
CA PRO B 236 -9.05 3.73 32.83
C PRO B 236 -9.72 3.92 31.45
N MET B 237 -10.69 4.83 31.36
CA MET B 237 -11.53 5.03 30.17
C MET B 237 -11.00 6.04 29.17
N HIS B 238 -11.17 5.78 27.86
CA HIS B 238 -10.89 6.81 26.85
C HIS B 238 -11.83 7.98 27.13
N LYS B 239 -11.45 9.18 26.73
CA LYS B 239 -12.27 10.37 26.99
C LYS B 239 -13.53 10.48 26.15
N ASN B 240 -13.66 9.66 25.11
CA ASN B 240 -14.82 9.70 24.23
C ASN B 240 -16.15 9.72 25.06
N PRO B 241 -16.97 10.79 24.94
CA PRO B 241 -18.23 10.90 25.71
C PRO B 241 -19.18 9.73 25.53
N LYS B 242 -19.20 9.15 24.33
CA LYS B 242 -20.06 7.99 24.03
C LYS B 242 -19.57 6.73 24.77
N VAL B 243 -18.24 6.54 24.86
CA VAL B 243 -17.68 5.38 25.58
C VAL B 243 -18.08 5.49 27.07
N ARG B 244 -17.98 6.67 27.60
CA ARG B 244 -18.24 6.99 29.01
C ARG B 244 -19.69 6.90 29.39
N GLU B 245 -20.62 7.26 28.48
CA GLU B 245 -22.06 7.10 28.76
C GLU B 245 -22.36 5.64 28.94
N VAL B 246 -21.85 4.79 28.03
CA VAL B 246 -22.11 3.34 28.05
C VAL B 246 -21.50 2.73 29.33
N ALA B 247 -20.26 3.14 29.68
CA ALA B 247 -19.59 2.67 30.92
C ALA B 247 -20.39 3.08 32.15
N GLN B 248 -20.81 4.34 32.20
CA GLN B 248 -21.59 4.86 33.34
C GLN B 248 -22.92 4.09 33.47
N LYS B 249 -23.60 3.91 32.34
CA LYS B 249 -24.91 3.26 32.32
C LYS B 249 -24.88 1.79 32.77
N ILE B 250 -23.80 1.07 32.47
CA ILE B 250 -23.69 -0.33 32.86
C ILE B 250 -22.86 -0.54 34.14
N LEU B 251 -21.67 0.09 34.24
CA LEU B 251 -20.73 -0.12 35.36
C LEU B 251 -20.74 0.97 36.45
N GLY B 252 -21.48 2.06 36.27
CA GLY B 252 -21.45 3.16 37.23
C GLY B 252 -22.24 2.80 38.50
N SER B 253 -22.08 3.61 39.55
CA SER B 253 -22.74 3.45 40.86
C SER B 253 -22.61 2.05 41.40
N HIS B 254 -21.40 1.50 41.31
CA HIS B 254 -21.18 0.12 41.72
C HIS B 254 -20.00 0.04 42.65
N ASP B 255 -20.17 -0.60 43.81
CA ASP B 255 -19.03 -0.78 44.70
C ASP B 255 -18.01 -1.69 44.00
N ARG B 256 -16.74 -1.51 44.28
CA ARG B 256 -15.65 -2.31 43.72
C ARG B 256 -15.42 -2.11 42.21
N ILE B 257 -15.87 -0.97 41.62
CA ILE B 257 -15.54 -0.62 40.24
C ILE B 257 -14.98 0.78 40.24
N GLU B 258 -13.78 0.96 39.70
CA GLU B 258 -13.17 2.28 39.55
C GLU B 258 -13.22 2.69 38.08
N LEU B 259 -14.06 3.69 37.74
CA LEU B 259 -14.15 4.24 36.38
C LEU B 259 -13.29 5.50 36.45
N ILE B 260 -12.08 5.44 35.90
CA ILE B 260 -11.13 6.53 36.02
C ILE B 260 -10.63 7.02 34.68
N GLU B 261 -9.78 8.05 34.72
CA GLU B 261 -9.24 8.66 33.53
C GLU B 261 -8.08 7.80 33.03
N PRO B 262 -7.60 7.99 31.78
CA PRO B 262 -6.44 7.24 31.29
C PRO B 262 -5.27 7.37 32.27
N LEU B 263 -4.48 6.31 32.42
CA LEU B 263 -3.35 6.36 33.35
C LEU B 263 -2.11 6.72 32.60
N ASP B 264 -1.17 7.40 33.28
CA ASP B 264 0.12 7.63 32.62
C ASP B 264 0.80 6.26 32.56
N VAL B 265 1.79 6.09 31.68
CA VAL B 265 2.41 4.77 31.48
C VAL B 265 3.07 4.21 32.75
N VAL B 266 3.70 5.06 33.58
CA VAL B 266 4.28 4.55 34.84
C VAL B 266 3.15 3.94 35.71
N ASP B 267 2.03 4.63 35.89
CA ASP B 267 0.93 4.07 36.70
C ASP B 267 0.33 2.85 36.01
N PHE B 268 0.10 2.92 34.68
CA PHE B 268 -0.55 1.77 34.02
C PHE B 268 0.27 0.52 34.19
N HIS B 269 1.58 0.60 33.94
CA HIS B 269 2.45 -0.58 34.11
C HIS B 269 2.43 -1.08 35.55
N ASN B 270 2.43 -0.17 36.53
CA ASN B 270 2.42 -0.59 37.92
C ASN B 270 1.04 -1.15 38.33
N PHE B 271 -0.07 -0.62 37.75
CA PHE B 271 -1.41 -1.22 37.99
C PHE B 271 -1.45 -2.61 37.34
N ALA B 272 -0.90 -2.75 36.12
CA ALA B 272 -0.95 -4.05 35.43
C ALA B 272 -0.23 -5.14 36.25
N LYS B 273 0.90 -4.82 36.87
CA LYS B 273 1.64 -5.77 37.76
C LYS B 273 0.83 -6.23 38.96
N LYS B 274 -0.02 -5.35 39.56
CA LYS B 274 -0.81 -5.78 40.72
C LYS B 274 -2.17 -6.30 40.38
N SER B 275 -2.58 -6.25 39.10
CA SER B 275 -3.88 -6.76 38.73
C SER B 275 -3.90 -8.28 38.92
N TYR B 276 -5.08 -8.82 38.94
CA TYR B 276 -5.31 -10.25 38.98
C TYR B 276 -5.11 -10.73 37.51
N PHE B 277 -5.85 -10.13 36.60
CA PHE B 277 -5.66 -10.37 35.17
C PHE B 277 -6.14 -9.17 34.40
N ILE B 278 -5.76 -9.10 33.12
CA ILE B 278 -6.07 -7.99 32.25
C ILE B 278 -7.17 -8.41 31.25
N LEU B 279 -8.14 -7.52 31.03
CA LEU B 279 -9.20 -7.77 30.06
C LEU B 279 -9.06 -6.62 29.07
N THR B 280 -8.65 -6.88 27.82
CA THR B 280 -8.38 -5.75 26.93
C THR B 280 -8.45 -6.11 25.46
N ASP B 281 -8.58 -5.08 24.61
CA ASP B 281 -8.45 -5.25 23.16
C ASP B 281 -7.15 -4.58 22.69
N SER B 282 -6.31 -4.15 23.65
CA SER B 282 -5.06 -3.47 23.35
C SER B 282 -4.05 -4.37 22.68
N GLY B 283 -3.33 -3.85 21.67
CA GLY B 283 -2.26 -4.64 21.05
C GLY B 283 -1.03 -4.58 21.97
N GLY B 284 -0.63 -3.36 22.41
CA GLY B 284 0.55 -3.16 23.24
C GLY B 284 0.53 -3.93 24.57
N ILE B 285 -0.60 -3.96 25.24
CA ILE B 285 -0.69 -4.69 26.50
C ILE B 285 -0.40 -6.21 26.33
N GLN B 286 -0.79 -6.79 25.18
CA GLN B 286 -0.51 -8.22 24.91
C GLN B 286 0.99 -8.50 24.85
N GLU B 287 1.80 -7.52 24.38
CA GLU B 287 3.27 -7.69 24.33
C GLU B 287 3.95 -7.42 25.68
N GLU B 288 3.35 -6.58 26.50
CA GLU B 288 3.93 -6.23 27.81
C GLU B 288 3.58 -7.26 28.87
N ALA B 289 2.33 -7.74 28.86
CA ALA B 289 1.78 -8.60 29.91
C ALA B 289 2.62 -9.83 30.28
N PRO B 290 3.24 -10.56 29.34
CA PRO B 290 4.05 -11.71 29.75
C PRO B 290 5.24 -11.32 30.62
N SER B 291 5.79 -10.09 30.44
CA SER B 291 6.90 -9.63 31.26
C SER B 291 6.43 -9.32 32.70
N PHE B 292 5.11 -9.09 32.93
CA PHE B 292 4.50 -8.86 34.25
C PHE B 292 3.94 -10.18 34.81
N ASN B 293 4.08 -11.29 34.08
CA ASN B 293 3.50 -12.58 34.46
C ASN B 293 1.98 -12.47 34.66
N LYS B 294 1.27 -11.70 33.79
CA LYS B 294 -0.19 -11.53 33.95
C LYS B 294 -0.93 -12.15 32.82
N PRO B 295 -1.98 -12.93 33.15
CA PRO B 295 -2.82 -13.47 32.10
C PRO B 295 -3.60 -12.33 31.39
N VAL B 296 -3.83 -12.47 30.07
CA VAL B 296 -4.61 -11.49 29.33
C VAL B 296 -5.76 -12.18 28.60
N LEU B 297 -6.99 -11.66 28.70
CA LEU B 297 -8.12 -12.14 27.89
C LEU B 297 -8.30 -11.08 26.82
N VAL B 298 -8.01 -11.43 25.56
CA VAL B 298 -8.02 -10.49 24.44
C VAL B 298 -9.41 -10.35 23.85
N LEU B 299 -9.88 -9.09 23.83
CA LEU B 299 -11.20 -8.74 23.35
C LEU B 299 -11.12 -8.38 21.85
N ARG B 300 -10.71 -9.37 21.04
CA ARG B 300 -10.64 -9.31 19.58
C ARG B 300 -11.09 -10.68 18.99
N SER B 301 -11.69 -10.68 17.81
CA SER B 301 -12.15 -11.90 17.12
C SER B 301 -11.02 -12.53 16.30
N VAL B 302 -10.02 -11.71 15.90
CA VAL B 302 -8.84 -12.18 15.16
C VAL B 302 -7.61 -11.52 15.78
N THR B 303 -6.49 -12.24 15.86
CA THR B 303 -5.27 -11.68 16.44
C THR B 303 -4.13 -11.72 15.43
N GLU B 304 -3.20 -10.80 15.60
CA GLU B 304 -1.96 -10.72 14.84
C GLU B 304 -0.84 -10.99 15.82
N ARG B 305 -1.19 -11.46 17.01
CA ARG B 305 -0.23 -11.76 18.05
C ARG B 305 -0.45 -13.19 18.51
N PRO B 306 -0.33 -14.16 17.59
CA PRO B 306 -0.51 -15.56 17.98
C PRO B 306 0.63 -16.07 18.85
N GLU B 307 1.80 -15.39 18.88
CA GLU B 307 2.95 -15.84 19.64
C GLU B 307 2.61 -15.94 21.14
N GLY B 308 1.84 -14.96 21.67
CA GLY B 308 1.45 -14.97 23.08
C GLY B 308 0.40 -16.03 23.36
N VAL B 309 -0.42 -16.37 22.35
CA VAL B 309 -1.41 -17.45 22.47
C VAL B 309 -0.63 -18.78 22.55
N GLU B 310 0.38 -18.98 21.67
CA GLU B 310 1.21 -20.19 21.67
C GLU B 310 2.00 -20.31 22.96
N ALA B 311 2.56 -19.20 23.46
CA ALA B 311 3.33 -19.21 24.70
C ALA B 311 2.42 -19.47 25.90
N GLY B 312 1.13 -19.04 25.86
CA GLY B 312 0.16 -19.27 26.92
C GLY B 312 -0.21 -18.01 27.74
N THR B 313 0.33 -16.79 27.54
CA THR B 313 -0.16 -15.65 28.36
C THR B 313 -1.52 -15.11 27.91
N LEU B 314 -1.78 -15.16 26.60
CA LEU B 314 -2.97 -14.58 26.00
C LEU B 314 -3.99 -15.62 25.59
N LYS B 315 -5.28 -15.29 25.68
CA LYS B 315 -6.36 -16.11 25.13
C LYS B 315 -7.28 -15.14 24.40
N VAL B 316 -7.55 -15.42 23.11
CA VAL B 316 -8.39 -14.57 22.25
C VAL B 316 -9.82 -15.01 22.45
N ILE B 317 -10.68 -14.11 22.95
CA ILE B 317 -12.04 -14.50 23.34
C ILE B 317 -13.16 -13.75 22.62
N GLY B 318 -12.85 -12.81 21.74
CA GLY B 318 -13.90 -12.06 21.05
C GLY B 318 -14.60 -11.11 22.00
N THR B 319 -15.77 -10.62 21.59
CA THR B 319 -16.55 -9.66 22.35
C THR B 319 -18.01 -10.10 22.57
N ASN B 320 -18.32 -11.39 22.34
CA ASN B 320 -19.66 -11.88 22.61
C ASN B 320 -19.85 -11.89 24.14
N LYS B 321 -21.00 -11.40 24.62
CA LYS B 321 -21.29 -11.30 26.05
C LYS B 321 -21.08 -12.61 26.81
N GLN B 322 -21.53 -13.77 26.25
CA GLN B 322 -21.39 -15.06 26.97
C GLN B 322 -19.96 -15.52 26.98
N ASN B 323 -19.25 -15.36 25.86
CA ASN B 323 -17.85 -15.77 25.77
C ASN B 323 -16.99 -14.96 26.72
N VAL B 324 -17.17 -13.62 26.78
CA VAL B 324 -16.37 -12.80 27.70
C VAL B 324 -16.62 -13.26 29.14
N TYR B 325 -17.89 -13.41 29.51
CA TYR B 325 -18.27 -13.84 30.84
C TYR B 325 -17.71 -15.23 31.16
N GLN B 326 -17.91 -16.23 30.27
CA GLN B 326 -17.41 -17.59 30.53
C GLN B 326 -15.92 -17.67 30.62
N ALA B 327 -15.19 -16.99 29.70
CA ALA B 327 -13.75 -17.03 29.69
C ALA B 327 -13.17 -16.44 30.97
N ALA B 328 -13.70 -15.28 31.39
CA ALA B 328 -13.25 -14.62 32.64
C ALA B 328 -13.60 -15.47 33.87
N LYS B 329 -14.83 -16.00 33.92
CA LYS B 329 -15.26 -16.89 35.02
C LYS B 329 -14.32 -18.11 35.12
N GLU B 330 -13.95 -18.74 33.98
CA GLU B 330 -13.03 -19.89 33.96
C GLU B 330 -11.66 -19.51 34.55
N LEU B 331 -11.14 -18.31 34.22
CA LEU B 331 -9.84 -17.85 34.77
C LEU B 331 -9.90 -17.72 36.28
N ILE B 332 -11.03 -17.17 36.76
CA ILE B 332 -11.29 -16.95 38.18
C ILE B 332 -11.38 -18.31 38.94
N ASP B 333 -12.15 -19.29 38.40
CA ASP B 333 -12.41 -20.60 39.03
C ASP B 333 -11.29 -21.62 38.92
N ASP B 334 -10.57 -21.67 37.79
CA ASP B 334 -9.51 -22.66 37.57
C ASP B 334 -8.14 -22.07 37.87
N GLU B 335 -7.66 -22.25 39.11
CA GLU B 335 -6.34 -21.77 39.55
C GLU B 335 -5.15 -22.34 38.75
N ARG B 336 -5.30 -23.57 38.19
CA ARG B 336 -4.24 -24.24 37.39
C ARG B 336 -4.09 -23.52 36.06
N LEU B 337 -5.22 -23.22 35.47
CA LEU B 337 -5.25 -22.49 34.21
C LEU B 337 -4.71 -21.07 34.43
N TYR B 338 -5.12 -20.41 35.54
CA TYR B 338 -4.56 -19.08 35.85
C TYR B 338 -3.03 -19.19 35.93
N HIS B 339 -2.51 -20.27 36.57
CA HIS B 339 -1.07 -20.52 36.67
C HIS B 339 -0.40 -20.80 35.32
N GLN B 340 -1.10 -21.51 34.42
CA GLN B 340 -0.60 -21.80 33.07
C GLN B 340 -0.38 -20.47 32.32
N MET B 341 -1.31 -19.52 32.45
CA MET B 341 -1.18 -18.22 31.76
C MET B 341 -0.14 -17.29 32.43
N SER B 342 0.07 -17.41 33.76
CA SER B 342 1.00 -16.55 34.53
C SER B 342 2.50 -16.74 34.31
N GLU B 343 3.01 -17.97 34.42
CA GLU B 343 4.45 -18.32 34.32
C GLU B 343 5.04 -18.44 32.89
N ALA B 344 4.21 -18.32 31.86
CA ALA B 344 4.67 -18.40 30.47
C ALA B 344 5.72 -17.34 30.13
N SER B 345 6.77 -17.69 29.38
CA SER B 345 7.85 -16.74 29.03
C SER B 345 7.38 -15.76 27.96
N ASN B 346 7.99 -14.55 27.90
CA ASN B 346 7.64 -13.53 26.91
C ASN B 346 8.24 -13.89 25.55
N PRO B 347 7.41 -14.12 24.50
CA PRO B 347 7.98 -14.35 23.18
C PRO B 347 8.27 -13.02 22.41
N TYR B 348 7.85 -11.86 22.98
CA TYR B 348 7.95 -10.56 22.29
C TYR B 348 9.21 -9.77 22.52
N GLY B 349 10.12 -10.21 23.38
CA GLY B 349 11.33 -9.41 23.57
C GLY B 349 11.96 -9.60 24.92
N ASP B 350 13.18 -9.09 25.04
CA ASP B 350 13.99 -9.17 26.26
C ASP B 350 14.40 -7.78 26.77
N GLY B 351 13.85 -6.69 26.20
CA GLY B 351 14.17 -5.34 26.65
C GLY B 351 15.34 -4.68 25.94
N PHE B 352 15.99 -5.34 24.95
CA PHE B 352 17.12 -4.75 24.21
C PHE B 352 16.85 -4.64 22.70
N ALA B 353 15.56 -4.51 22.32
CA ALA B 353 15.21 -4.36 20.89
C ALA B 353 15.77 -3.08 20.30
N SER B 354 15.77 -1.99 21.08
CA SER B 354 16.29 -0.71 20.60
C SER B 354 17.78 -0.78 20.23
N GLU B 355 18.60 -1.46 21.05
CA GLU B 355 20.05 -1.58 20.75
C GLU B 355 20.28 -2.34 19.44
N ARG B 356 19.50 -3.41 19.21
CA ARG B 356 19.56 -4.19 17.98
C ARG B 356 19.17 -3.30 16.81
N ILE B 357 18.05 -2.57 16.94
CA ILE B 357 17.59 -1.67 15.86
C ILE B 357 18.69 -0.65 15.50
N VAL B 358 19.28 -0.04 16.52
CA VAL B 358 20.35 0.97 16.32
C VAL B 358 21.56 0.37 15.58
N ASN B 359 21.98 -0.84 15.96
CA ASN B 359 23.11 -1.48 15.30
C ASN B 359 22.74 -1.94 13.87
N HIS B 360 21.47 -2.34 13.61
CA HIS B 360 21.04 -2.64 12.23
C HIS B 360 21.08 -1.39 11.36
N ILE B 361 20.70 -0.22 11.95
CA ILE B 361 20.71 1.05 11.22
C ILE B 361 22.16 1.43 10.87
N LYS B 362 23.07 1.34 11.84
CA LYS B 362 24.50 1.66 11.61
C LYS B 362 25.07 0.76 10.52
N TYR B 363 24.81 -0.55 10.60
CA TYR B 363 25.25 -1.50 9.58
C TYR B 363 24.71 -1.12 8.20
N TYR B 364 23.38 -0.87 8.10
CA TYR B 364 22.73 -0.50 6.84
C TYR B 364 23.27 0.77 6.21
N LEU B 365 23.62 1.77 7.01
CA LEU B 365 24.18 3.03 6.50
C LEU B 365 25.74 2.97 6.38
N ASN B 366 26.35 1.75 6.43
CA ASN B 366 27.78 1.50 6.26
C ASN B 366 28.67 2.19 7.31
N LEU B 367 28.20 2.29 8.56
CA LEU B 367 28.94 2.88 9.68
C LEU B 367 29.64 1.81 10.52
N ILE B 368 29.23 0.55 10.38
CA ILE B 368 29.77 -0.58 11.14
C ILE B 368 29.76 -1.83 10.25
N THR B 369 30.59 -2.83 10.59
CA THR B 369 30.70 -4.09 9.82
C THR B 369 29.84 -5.21 10.40
N GLU B 370 29.71 -5.27 11.74
CA GLU B 370 28.91 -6.31 12.41
C GLU B 370 27.40 -6.04 12.28
N LYS B 371 26.64 -7.06 11.89
CA LYS B 371 25.17 -7.02 11.79
C LYS B 371 24.65 -7.77 13.02
N PRO B 372 23.69 -7.21 13.79
CA PRO B 372 23.21 -7.96 14.96
C PRO B 372 22.46 -9.23 14.58
N SER B 373 22.54 -10.24 15.45
CA SER B 373 21.86 -11.52 15.24
C SER B 373 20.37 -11.35 15.52
N ASP B 374 19.56 -12.29 15.03
CA ASP B 374 18.12 -12.24 15.24
C ASP B 374 17.77 -12.57 16.69
N PHE B 375 16.96 -11.74 17.35
CA PHE B 375 16.48 -12.01 18.71
C PHE B 375 15.68 -13.33 18.68
N GLY B 376 15.87 -14.20 19.69
CA GLY B 376 15.18 -15.49 19.80
N1 UDP C . -0.96 6.50 -28.28
C2 UDP C . -1.73 7.44 -28.92
N3 UDP C . -1.02 8.43 -29.57
C4 UDP C . 0.35 8.59 -29.61
C5 UDP C . 1.08 7.62 -28.85
C6 UDP C . 0.41 6.64 -28.18
O2 UDP C . -2.94 7.39 -28.96
O4 UDP C . 0.85 9.53 -30.25
C1' UDP C . -1.65 5.44 -27.45
C2' UDP C . -1.18 3.99 -27.66
O2' UDP C . -1.89 3.29 -28.67
C3' UDP C . -1.48 3.39 -26.28
C4' UDP C . -1.14 4.53 -25.34
O4' UDP C . -1.40 5.74 -26.10
O3' UDP C . -2.85 3.12 -26.09
C5' UDP C . 0.28 4.54 -24.85
O5' UDP C . 0.54 5.77 -24.15
PA UDP C . 2.00 6.10 -23.62
O1A UDP C . 3.10 5.43 -24.34
O2A UDP C . 2.09 7.60 -23.60
O3A UDP C . 1.95 5.60 -22.10
PB UDP C . 2.34 4.21 -21.40
O1B UDP C . 3.74 3.87 -21.54
O2B UDP C . 1.96 4.43 -19.95
O3B UDP C . 1.46 3.14 -21.98
S SO4 D . -3.09 13.28 -42.06
O1 SO4 D . -2.42 14.53 -42.40
O2 SO4 D . -3.75 13.42 -40.78
O3 SO4 D . -4.07 12.98 -43.08
O4 SO4 D . -2.16 12.16 -41.97
C TRS E . 0.28 2.82 -17.51
C1 TRS E . -0.86 3.49 -18.28
C2 TRS E . -0.24 1.61 -16.73
C3 TRS E . 0.96 3.84 -16.58
N TRS E . 1.30 2.32 -18.49
O1 TRS E . -1.74 4.17 -17.40
O2 TRS E . -0.89 0.70 -17.62
O3 TRS E . 2.28 3.44 -16.24
O1 PG4 F . -3.83 -10.89 1.75
C1 PG4 F . -2.66 -10.08 1.83
C2 PG4 F . -2.25 -9.57 0.48
O2 PG4 F . -1.06 -8.78 0.59
C3 PG4 F . 0.13 -9.52 0.31
C4 PG4 F . 1.34 -8.67 0.51
O3 PG4 F . 1.76 -8.07 -0.71
C5 PG4 F . 2.96 -7.30 -0.56
C6 PG4 F . 4.08 -7.86 -1.40
O4 PG4 F . 5.23 -7.05 -1.28
C7 PG4 F . 6.45 -7.74 -1.49
C8 PG4 F . 7.41 -6.91 -2.29
O5 PG4 F . 7.54 -5.59 -1.75
N1 UDP G . -1.48 2.37 28.56
C2 UDP G . -1.22 3.46 29.37
N3 UDP G . -2.32 3.94 30.06
C4 UDP G . -3.63 3.52 29.94
C5 UDP G . -3.84 2.42 29.03
C6 UDP G . -2.78 1.90 28.37
O2 UDP G . -0.10 3.94 29.51
O4 UDP G . -4.53 4.05 30.61
C1' UDP G . -0.37 1.85 27.72
C2' UDP G . -0.19 0.33 27.68
O2' UDP G . 0.68 -0.15 28.69
C3' UDP G . 0.48 0.16 26.31
C4' UDP G . -0.29 1.16 25.46
O4' UDP G . -0.64 2.23 26.38
O3' UDP G . 1.85 0.57 26.27
C5' UDP G . -1.54 0.57 24.85
O5' UDP G . -2.32 1.60 24.21
PA UDP G . -3.68 1.28 23.52
O1A UDP G . -4.31 0.03 24.01
O2A UDP G . -4.59 2.47 23.63
O3A UDP G . -3.31 1.11 21.98
PB UDP G . -2.92 -0.15 21.11
O1B UDP G . -1.75 -0.80 21.64
O2B UDP G . -2.74 0.41 19.74
O3B UDP G . -4.11 -1.07 21.08
S SO4 H . -2.42 -3.36 16.57
O1 SO4 H . -3.33 -2.97 17.67
O2 SO4 H . -2.73 -2.49 15.49
O3 SO4 H . -1.03 -3.27 16.99
O4 SO4 H . -2.77 -4.77 16.23
S SO4 I . -11.84 -3.31 14.28
O1 SO4 I . -13.01 -2.57 13.81
O2 SO4 I . -11.93 -3.52 15.73
O3 SO4 I . -11.82 -4.60 13.62
O4 SO4 I . -10.67 -2.52 13.97
S SO4 J . -9.71 3.74 18.87
O1 SO4 J . -8.38 3.29 18.35
O2 SO4 J . -9.64 3.80 20.37
O3 SO4 J . -10.06 5.01 18.33
O4 SO4 J . -10.70 2.79 18.41
C TRS K . -0.09 0.36 17.72
C1 TRS K . 0.55 1.43 18.60
C2 TRS K . 0.95 -0.30 16.83
C3 TRS K . -1.25 0.96 16.92
N TRS K . -0.65 -0.71 18.61
O1 TRS K . 0.77 2.64 17.85
O2 TRS K . 1.66 -1.23 17.61
O3 TRS K . -2.18 -0.04 16.55
#